data_2WCO
#
_entry.id   2WCO
#
_cell.length_a   140.110
_cell.length_b   140.110
_cell.length_c   100.652
_cell.angle_alpha   90.00
_cell.angle_beta   90.00
_cell.angle_gamma   90.00
#
_symmetry.space_group_name_H-M   'P 43 21 2'
#
loop_
_entity.id
_entity.type
_entity.pdbx_description
1 polymer 'PUTATIVE SECRETED LYASE'
2 branched '4-deoxy-beta-D-glucopyranuronic acid-(1-3)-2-acetamido-2-deoxy-beta-D-glucopyranose'
3 non-polymer GLYCEROL
4 non-polymer 'FORMIC ACID'
5 water water
#
_entity_poly.entity_id   1
_entity_poly.type   'polypeptide(L)'
_entity_poly.pdbx_seq_one_letter_code
;MGSSHHHHHHSSGLVPRGSHMATADPYDALRRRWLGITLGTGYDPAAEPYASRLAETGERAREHRATMAPTPTSLWPGHP
FDPPAGITFAYGRLWTMTEAYVQEGTGATGDPALLADILRGLDHLSATVYHPATTRYGNWWEWQIGSPRLLMDITAALYD
HLGADRVAAACAAVDHFVPDAMLGAYTGTSTGANRVDLCRSVALRGVLGRAPAKIALARDALSPVFPYVTKGDGLYADGS
FVQHTWVAYSGTYGQVMLDGLGRLFTLLAGSEWEVTDPGRQLVLDSVEHAYAPLIHDGLVMDTVNGRAISRGYLKSDDLH
VMRSDHFHGQQLIAAMAVLAGGASNAERERWHARIKGWIERDTVTPVLTAPQFPVADLTRLHAIADAPGEAAPEPVGHHL
FAAMDRAVHRRPAFTAGLAMASDRIAHYECGNGENPRGWHTGAGMLTWWANGTRADQYTDWFWPTVDWYRLPGTTVSTKR
LADRAGGEWGAPKPDVRWVGGATDGEYAAVGQHLKGLGSTLEARKSWFFLDDAVVCLGAGITCADGVPVETVVDNRNLGE
GGTQALVRGRHWAHLEGHGGWIVPGGALRTLREDRTGAWSDINTTSTTERRTRRWQTLWLDHGTDPAGADYVYTVMPGAS
RAALARRAADRHWLTVLANDDRRQAVSVPSLGLTAANFWQAGTAGPLTTTAGASVLVRRRGRTATLRVSEPPRTGEALEI
VWDHPVGAVLRADETVEILATGRRLHLRVTPGVVCTTHECEVTLS
;
_entity_poly.pdbx_strand_id   A
#
# COMPACT_ATOMS: atom_id res chain seq x y z
N ALA A 24 22.61 23.31 26.77
CA ALA A 24 23.15 24.22 25.72
C ALA A 24 23.38 23.30 24.60
N ASP A 25 24.58 22.73 24.67
CA ASP A 25 25.18 21.97 23.61
C ASP A 25 24.45 20.70 23.17
N PRO A 26 23.77 19.94 24.06
CA PRO A 26 23.08 18.74 23.52
C PRO A 26 21.85 19.10 22.71
N TYR A 27 21.19 20.20 23.09
CA TYR A 27 20.06 20.76 22.34
C TYR A 27 20.51 21.38 21.03
N ASP A 28 21.60 22.15 21.07
CA ASP A 28 22.18 22.64 19.82
C ASP A 28 22.67 21.50 18.93
N ALA A 29 23.28 20.49 19.49
CA ALA A 29 23.70 19.31 18.68
C ALA A 29 22.51 18.64 17.98
N LEU A 30 21.42 18.48 18.72
CA LEU A 30 20.22 17.83 18.18
C LEU A 30 19.62 18.65 17.04
N ARG A 31 19.61 19.96 17.22
CA ARG A 31 19.08 20.88 16.20
C ARG A 31 19.88 20.83 14.95
N ARG A 32 21.21 20.80 15.10
CA ARG A 32 22.06 20.66 13.92
C ARG A 32 21.88 19.35 13.23
N ARG A 33 21.78 18.28 13.99
CA ARG A 33 21.56 16.96 13.43
C ARG A 33 20.23 16.95 12.62
N TRP A 34 19.19 17.50 13.22
CA TRP A 34 17.90 17.57 12.49
C TRP A 34 18.02 18.30 11.15
N LEU A 35 18.71 19.43 11.19
CA LEU A 35 18.88 20.19 9.95
C LEU A 35 19.67 19.42 8.86
N GLY A 36 20.67 18.62 9.27
CA GLY A 36 21.34 17.70 8.34
C GLY A 36 20.41 16.73 7.70
N ILE A 37 19.47 16.21 8.51
CA ILE A 37 18.52 15.20 8.04
C ILE A 37 17.53 15.86 7.07
N THR A 38 17.16 17.06 7.46
CA THR A 38 16.10 17.79 6.76
C THR A 38 16.53 18.49 5.49
N LEU A 39 17.70 19.13 5.56
CA LEU A 39 18.23 19.93 4.46
C LEU A 39 19.35 19.32 3.75
N GLY A 40 19.94 18.25 4.31
CA GLY A 40 20.87 17.42 3.55
C GLY A 40 22.29 17.90 3.76
N THR A 41 23.21 16.98 3.57
CA THR A 41 24.60 17.26 3.75
C THR A 41 25.45 16.53 2.70
N GLY A 42 26.58 17.11 2.36
CA GLY A 42 27.61 16.43 1.55
C GLY A 42 27.20 16.30 0.09
N TYR A 43 26.62 17.34 -0.47
CA TYR A 43 26.33 17.37 -1.88
C TYR A 43 26.92 18.65 -2.43
N ASP A 44 27.11 18.68 -3.72
CA ASP A 44 27.64 19.87 -4.41
C ASP A 44 26.48 20.66 -5.04
N PRO A 45 26.17 21.81 -4.48
CA PRO A 45 25.04 22.61 -4.95
C PRO A 45 25.10 23.07 -6.37
N ALA A 46 26.28 23.04 -6.97
CA ALA A 46 26.40 23.39 -8.39
C ALA A 46 26.23 22.21 -9.33
N ALA A 47 26.14 20.97 -8.80
CA ALA A 47 25.94 19.74 -9.59
C ALA A 47 24.47 19.50 -9.75
N GLU A 48 24.06 18.93 -10.89
CA GLU A 48 22.71 18.49 -11.10
C GLU A 48 22.56 17.15 -10.38
N PRO A 49 21.34 16.82 -9.93
CA PRO A 49 20.09 17.52 -10.00
C PRO A 49 19.99 18.65 -8.95
N TYR A 50 20.94 18.75 -8.07
CA TYR A 50 20.79 19.68 -6.91
C TYR A 50 20.60 21.09 -7.39
N ALA A 51 21.43 21.51 -8.37
CA ALA A 51 21.41 22.92 -8.83
C ALA A 51 20.05 23.34 -9.34
N SER A 52 19.38 22.52 -10.13
CA SER A 52 18.06 22.90 -10.65
C SER A 52 17.00 22.91 -9.53
N ARG A 53 17.07 21.94 -8.64
CA ARG A 53 16.12 21.77 -7.59
C ARG A 53 16.16 22.97 -6.64
N LEU A 54 17.37 23.37 -6.27
CA LEU A 54 17.58 24.58 -5.44
C LEU A 54 17.10 25.84 -6.14
N ALA A 55 17.41 25.98 -7.41
CA ALA A 55 17.00 27.13 -8.19
C ALA A 55 15.43 27.24 -8.21
N GLU A 56 14.75 26.13 -8.41
CA GLU A 56 13.29 26.08 -8.43
C GLU A 56 12.70 26.42 -7.05
N THR A 57 13.42 26.08 -6.01
CA THR A 57 12.94 26.39 -4.68
C THR A 57 12.98 27.89 -4.44
N GLY A 58 13.99 28.54 -5.00
CA GLY A 58 14.12 29.98 -5.02
C GLY A 58 13.04 30.62 -5.84
N GLU A 59 12.73 30.05 -6.97
CA GLU A 59 11.63 30.52 -7.82
C GLU A 59 10.27 30.48 -7.06
N ARG A 60 9.98 29.34 -6.44
CA ARG A 60 8.72 29.26 -5.66
C ARG A 60 8.70 30.26 -4.54
N ALA A 61 9.82 30.37 -3.84
CA ALA A 61 9.90 31.26 -2.69
C ALA A 61 9.66 32.70 -3.07
N ARG A 62 10.18 33.10 -4.22
CA ARG A 62 9.95 34.46 -4.67
C ARG A 62 8.49 34.72 -5.04
N GLU A 63 7.82 33.80 -5.70
CA GLU A 63 6.38 33.97 -5.95
C GLU A 63 5.57 33.96 -4.62
N HIS A 64 5.88 33.10 -3.69
CA HIS A 64 5.20 33.06 -2.38
C HIS A 64 5.32 34.39 -1.64
N ARG A 65 6.51 34.94 -1.65
CA ARG A 65 6.77 36.15 -1.00
C ARG A 65 5.94 37.30 -1.64
N ALA A 66 5.92 37.32 -2.96
CA ALA A 66 5.21 38.38 -3.65
C ALA A 66 3.70 38.28 -3.44
N THR A 67 3.13 37.10 -3.23
CA THR A 67 1.67 36.98 -3.17
C THR A 67 1.18 36.97 -1.71
N MET A 68 2.11 36.88 -0.74
CA MET A 68 1.73 36.65 0.65
C MET A 68 0.88 37.84 1.03
N ALA A 69 -0.27 37.62 1.68
CA ALA A 69 -1.25 38.70 1.89
C ALA A 69 -2.01 38.51 3.18
N PRO A 70 -1.47 39.00 4.28
CA PRO A 70 -2.07 38.71 5.57
C PRO A 70 -3.43 39.33 5.80
N THR A 71 -4.40 38.52 6.18
CA THR A 71 -5.72 39.00 6.53
C THR A 71 -6.13 38.23 7.81
N PRO A 72 -7.18 38.70 8.49
CA PRO A 72 -7.68 37.95 9.66
C PRO A 72 -8.00 36.47 9.42
N THR A 73 -8.27 36.06 8.18
CA THR A 73 -8.73 34.73 7.90
C THR A 73 -7.84 33.96 6.91
N SER A 74 -6.70 34.51 6.49
CA SER A 74 -5.77 33.78 5.54
C SER A 74 -4.40 34.40 5.60
N LEU A 75 -3.42 33.74 5.07
CA LEU A 75 -2.15 34.38 4.77
C LEU A 75 -1.88 34.42 3.27
N TRP A 76 -2.38 33.48 2.46
CA TRP A 76 -2.34 33.62 1.00
C TRP A 76 -3.78 33.60 0.51
N PRO A 77 -4.10 34.40 -0.56
CA PRO A 77 -5.43 34.37 -1.17
C PRO A 77 -5.86 32.97 -1.66
N GLY A 78 -7.13 32.64 -1.45
CA GLY A 78 -7.66 31.34 -1.79
C GLY A 78 -7.47 30.28 -0.73
N HIS A 79 -6.82 30.62 0.39
CA HIS A 79 -6.38 29.64 1.41
C HIS A 79 -6.78 30.12 2.81
N PRO A 80 -8.08 30.13 3.09
CA PRO A 80 -8.54 30.55 4.38
C PRO A 80 -8.15 29.53 5.44
N PHE A 81 -8.03 30.03 6.67
CA PHE A 81 -7.70 29.26 7.86
C PHE A 81 -8.83 28.36 8.35
N ASP A 82 -10.01 28.53 7.78
CA ASP A 82 -11.12 27.58 7.97
C ASP A 82 -11.69 27.27 6.58
N PRO A 83 -11.48 26.03 6.10
CA PRO A 83 -10.91 24.85 6.83
C PRO A 83 -9.44 24.97 7.17
N PRO A 84 -8.97 24.16 8.18
CA PRO A 84 -7.64 24.36 8.73
C PRO A 84 -6.52 23.96 7.77
N ALA A 85 -6.89 23.35 6.64
CA ALA A 85 -5.93 23.04 5.61
C ALA A 85 -5.17 24.29 5.19
N GLY A 86 -5.85 25.43 5.24
CA GLY A 86 -5.22 26.71 4.92
C GLY A 86 -4.07 27.18 5.85
N ILE A 87 -4.10 26.75 7.07
CA ILE A 87 -3.05 26.98 8.05
C ILE A 87 -1.83 26.19 7.71
N THR A 88 -2.01 24.87 7.43
CA THR A 88 -0.90 24.00 7.08
C THR A 88 -0.30 24.46 5.72
N PHE A 89 -1.17 24.83 4.81
CA PHE A 89 -0.72 25.33 3.50
C PHE A 89 0.19 26.53 3.63
N ALA A 90 -0.22 27.45 4.54
CA ALA A 90 0.62 28.65 4.83
C ALA A 90 1.96 28.30 5.43
N TYR A 91 1.98 27.44 6.41
CA TYR A 91 3.28 26.95 6.98
C TYR A 91 4.16 26.25 5.93
N GLY A 92 3.53 25.56 4.98
CA GLY A 92 4.23 24.91 3.92
C GLY A 92 4.94 25.91 3.05
N ARG A 93 4.26 27.01 2.71
CA ARG A 93 4.86 28.02 1.88
C ARG A 93 5.99 28.75 2.65
N LEU A 94 5.77 28.95 3.92
CA LEU A 94 6.82 29.48 4.80
C LEU A 94 8.03 28.60 4.91
N TRP A 95 7.82 27.26 4.82
CA TRP A 95 8.96 26.35 4.84
C TRP A 95 9.71 26.50 3.51
N THR A 96 9.03 26.54 2.36
CA THR A 96 9.71 26.77 1.10
C THR A 96 10.55 28.05 1.16
N MET A 97 9.95 29.12 1.66
CA MET A 97 10.60 30.36 1.84
C MET A 97 11.88 30.26 2.71
N THR A 98 11.75 29.48 3.76
CA THR A 98 12.85 29.22 4.66
C THR A 98 13.95 28.39 3.98
N GLU A 99 13.57 27.37 3.20
CA GLU A 99 14.57 26.64 2.43
C GLU A 99 15.33 27.62 1.53
N ALA A 100 14.64 28.49 0.84
CA ALA A 100 15.28 29.47 -0.09
C ALA A 100 16.29 30.32 0.64
N TYR A 101 15.97 30.68 1.85
CA TYR A 101 16.81 31.54 2.69
C TYR A 101 18.06 30.85 3.22
N VAL A 102 17.91 29.61 3.67
CA VAL A 102 19.00 28.87 4.29
C VAL A 102 19.87 28.06 3.36
N GLN A 103 19.38 27.68 2.19
CA GLN A 103 20.19 26.85 1.31
CA GLN A 103 20.15 26.81 1.30
C GLN A 103 20.87 27.70 0.25
N GLU A 104 22.12 27.32 -0.09
CA GLU A 104 22.89 27.92 -1.23
C GLU A 104 22.23 27.49 -2.52
N GLY A 105 22.30 28.31 -3.57
CA GLY A 105 21.88 27.94 -4.90
C GLY A 105 20.47 28.35 -5.28
N THR A 106 19.77 28.94 -4.33
CA THR A 106 18.36 29.29 -4.48
C THR A 106 18.10 30.66 -5.07
N GLY A 107 19.14 31.49 -5.09
CA GLY A 107 18.97 32.84 -5.63
C GLY A 107 18.56 33.79 -4.55
N ALA A 108 18.25 33.26 -3.34
CA ALA A 108 17.74 34.07 -2.23
C ALA A 108 18.48 33.81 -0.91
N THR A 109 19.54 33.01 -0.99
CA THR A 109 20.33 32.63 0.20
C THR A 109 20.74 33.83 1.08
N GLY A 110 20.33 33.83 2.33
CA GLY A 110 20.65 34.94 3.21
C GLY A 110 20.06 36.35 2.90
N ASP A 111 19.05 36.42 2.05
CA ASP A 111 18.41 37.67 1.72
C ASP A 111 17.57 38.19 2.90
N PRO A 112 17.96 39.32 3.46
CA PRO A 112 17.26 39.82 4.62
C PRO A 112 15.82 40.25 4.38
N ALA A 113 15.45 40.56 3.16
CA ALA A 113 14.07 40.88 2.80
C ALA A 113 13.20 39.58 2.91
N LEU A 114 13.72 38.46 2.40
CA LEU A 114 13.00 37.22 2.44
C LEU A 114 12.82 36.87 3.94
N LEU A 115 13.88 36.98 4.68
CA LEU A 115 13.80 36.71 6.12
C LEU A 115 12.74 37.53 6.87
N ALA A 116 12.65 38.81 6.55
CA ALA A 116 11.62 39.65 7.09
C ALA A 116 10.23 39.16 6.76
N ASP A 117 10.00 38.73 5.51
CA ASP A 117 8.71 38.23 5.10
C ASP A 117 8.38 36.91 5.78
N ILE A 118 9.38 36.09 6.04
CA ILE A 118 9.11 34.79 6.71
C ILE A 118 8.63 35.10 8.14
N LEU A 119 9.36 36.00 8.78
CA LEU A 119 9.04 36.32 10.16
C LEU A 119 7.65 37.02 10.22
N ARG A 120 7.36 37.83 9.24
CA ARG A 120 6.09 38.44 9.13
C ARG A 120 4.92 37.41 9.02
N GLY A 121 5.14 36.37 8.23
CA GLY A 121 4.13 35.34 8.08
C GLY A 121 3.96 34.54 9.32
N LEU A 122 5.06 34.19 9.96
CA LEU A 122 5.04 33.44 11.16
C LEU A 122 4.32 34.20 12.27
N ASP A 123 4.65 35.47 12.37
CA ASP A 123 3.95 36.34 13.33
C ASP A 123 2.47 36.50 13.05
N HIS A 124 2.07 36.57 11.82
CA HIS A 124 0.68 36.64 11.47
C HIS A 124 -0.02 35.34 11.86
N LEU A 125 0.56 34.18 11.58
CA LEU A 125 -0.11 32.95 11.95
C LEU A 125 -0.23 32.86 13.44
N SER A 126 0.83 33.22 14.14
CA SER A 126 0.81 33.13 15.60
C SER A 126 -0.21 34.13 16.23
N ALA A 127 -0.48 35.22 15.54
CA ALA A 127 -1.40 36.22 16.04
C ALA A 127 -2.83 35.85 15.72
N THR A 128 -3.07 35.27 14.51
CA THR A 128 -4.43 35.16 14.08
C THR A 128 -5.06 33.76 14.20
N VAL A 129 -4.25 32.67 14.29
CA VAL A 129 -4.83 31.36 14.27
C VAL A 129 -4.08 30.33 15.10
N TYR A 130 -2.77 30.23 14.95
CA TYR A 130 -2.04 29.05 15.50
C TYR A 130 -1.50 29.47 16.89
N HIS A 131 -2.40 29.48 17.85
CA HIS A 131 -2.04 29.98 19.20
C HIS A 131 -2.94 29.38 20.24
N PRO A 132 -2.54 29.49 21.50
CA PRO A 132 -3.27 28.79 22.52
C PRO A 132 -4.72 29.26 22.88
N ALA A 133 -5.21 30.37 22.36
CA ALA A 133 -6.61 30.77 22.57
C ALA A 133 -7.55 30.10 21.55
N THR A 134 -6.99 29.39 20.57
CA THR A 134 -7.81 28.83 19.54
C THR A 134 -8.35 27.55 20.00
N THR A 135 -9.65 27.40 19.81
CA THR A 135 -10.28 26.07 20.00
C THR A 135 -10.33 25.37 18.66
N ARG A 136 -9.67 24.22 18.61
CA ARG A 136 -9.46 23.53 17.38
C ARG A 136 -10.77 23.26 16.69
N TYR A 137 -10.82 23.48 15.40
CA TYR A 137 -11.97 23.16 14.55
C TYR A 137 -11.54 22.47 13.31
N GLY A 138 -12.47 21.71 12.73
CA GLY A 138 -12.19 20.90 11.57
C GLY A 138 -11.16 19.78 11.80
N ASN A 139 -10.47 19.42 10.74
CA ASN A 139 -9.64 18.21 10.73
C ASN A 139 -8.48 18.28 11.76
N TRP A 140 -8.54 17.42 12.79
CA TRP A 140 -7.53 17.39 13.86
C TRP A 140 -6.10 17.34 13.30
N TRP A 141 -5.97 16.61 12.19
CA TRP A 141 -4.65 16.30 11.61
C TRP A 141 -3.90 17.61 11.25
N GLU A 142 -4.66 18.59 10.77
CA GLU A 142 -4.00 19.82 10.36
C GLU A 142 -3.32 20.55 11.53
N TRP A 143 -3.94 20.45 12.72
CA TRP A 143 -3.47 21.14 13.90
C TRP A 143 -2.43 20.38 14.67
N GLN A 144 -2.47 19.06 14.58
CA GLN A 144 -1.65 18.22 15.44
C GLN A 144 -0.51 17.55 14.72
N ILE A 145 -0.61 17.50 13.37
CA ILE A 145 0.42 16.93 12.54
C ILE A 145 0.92 17.86 11.42
N GLY A 146 0.01 18.39 10.63
CA GLY A 146 0.47 19.11 9.43
C GLY A 146 1.23 20.35 9.78
N SER A 147 0.54 21.19 10.49
CA SER A 147 1.10 22.50 10.93
C SER A 147 2.29 22.45 11.90
N PRO A 148 2.18 21.66 12.99
CA PRO A 148 3.25 21.72 13.95
C PRO A 148 4.57 21.18 13.48
N ARG A 149 4.58 20.16 12.60
CA ARG A 149 5.84 19.63 12.12
C ARG A 149 6.57 20.75 11.28
N LEU A 150 5.81 21.51 10.51
CA LEU A 150 6.33 22.53 9.66
C LEU A 150 6.82 23.69 10.48
N LEU A 151 6.04 24.09 11.48
CA LEU A 151 6.42 25.12 12.43
C LEU A 151 7.69 24.77 13.16
N MET A 152 7.80 23.52 13.62
CA MET A 152 9.07 23.07 14.24
C MET A 152 10.24 23.07 13.25
N ASP A 153 10.03 22.60 12.01
CA ASP A 153 11.11 22.66 11.03
C ASP A 153 11.59 24.13 10.79
N ILE A 154 10.65 25.06 10.63
CA ILE A 154 11.00 26.44 10.32
C ILE A 154 11.73 27.06 11.51
N THR A 155 11.22 26.74 12.72
CA THR A 155 11.82 27.19 13.96
C THR A 155 13.26 26.68 14.12
N ALA A 156 13.50 25.40 13.82
CA ALA A 156 14.84 24.85 13.81
C ALA A 156 15.80 25.58 12.84
N ALA A 157 15.35 25.80 11.60
CA ALA A 157 16.18 26.29 10.52
C ALA A 157 16.50 27.77 10.81
N LEU A 158 15.59 28.48 11.43
CA LEU A 158 15.75 29.94 11.58
C LEU A 158 16.09 30.30 13.02
N TYR A 159 16.42 29.28 13.81
CA TYR A 159 16.48 29.41 15.25
C TYR A 159 17.17 30.68 15.74
N ASP A 160 18.40 30.93 15.27
CA ASP A 160 19.13 32.10 15.74
C ASP A 160 18.57 33.45 15.29
N HIS A 161 17.76 33.48 14.25
CA HIS A 161 17.13 34.75 13.80
C HIS A 161 15.79 35.08 14.49
N LEU A 162 15.18 34.14 15.21
CA LEU A 162 13.78 34.24 15.59
C LEU A 162 13.62 34.95 16.90
N GLY A 163 14.65 34.83 17.75
CA GLY A 163 14.57 35.37 19.05
C GLY A 163 13.80 34.47 19.99
N ALA A 164 13.96 34.71 21.27
CA ALA A 164 13.45 33.86 22.30
C ALA A 164 11.95 33.89 22.41
N ASP A 165 11.32 35.05 22.23
CA ASP A 165 9.84 35.10 22.30
C ASP A 165 9.17 34.31 21.16
N ARG A 166 9.76 34.31 19.96
CA ARG A 166 9.16 33.53 18.82
C ARG A 166 9.31 32.03 19.08
N VAL A 167 10.44 31.64 19.60
CA VAL A 167 10.67 30.19 19.87
C VAL A 167 9.72 29.74 21.00
N ALA A 168 9.59 30.54 22.06
CA ALA A 168 8.67 30.19 23.14
C ALA A 168 7.25 30.14 22.67
N ALA A 169 6.89 31.06 21.79
CA ALA A 169 5.55 31.10 21.27
C ALA A 169 5.24 29.83 20.44
N ALA A 170 6.19 29.40 19.63
CA ALA A 170 6.04 28.21 18.79
C ALA A 170 5.88 26.99 19.71
N CYS A 171 6.65 26.92 20.81
CA CYS A 171 6.65 25.81 21.71
C CYS A 171 5.34 25.71 22.47
N ALA A 172 4.76 26.84 22.78
CA ALA A 172 3.52 26.88 23.50
C ALA A 172 2.34 26.58 22.62
N ALA A 173 2.37 26.94 21.33
CA ALA A 173 1.38 26.45 20.35
C ALA A 173 1.41 24.92 20.25
N VAL A 174 2.55 24.32 20.09
CA VAL A 174 2.68 22.89 20.04
C VAL A 174 2.17 22.27 21.35
N ASP A 175 2.52 22.84 22.52
CA ASP A 175 1.99 22.30 23.81
C ASP A 175 0.50 22.40 23.87
N HIS A 176 -0.09 23.37 23.20
CA HIS A 176 -1.54 23.53 23.25
C HIS A 176 -2.27 22.54 22.31
N PHE A 177 -1.80 22.41 21.12
CA PHE A 177 -2.43 21.51 20.17
C PHE A 177 -1.99 20.04 20.29
N VAL A 178 -0.79 19.78 20.81
CA VAL A 178 -0.33 18.43 21.01
C VAL A 178 0.18 18.33 22.50
N PRO A 179 -0.75 18.29 23.43
CA PRO A 179 -0.38 18.24 24.85
C PRO A 179 0.14 16.85 25.21
N ASP A 180 0.80 16.71 26.36
CA ASP A 180 1.34 15.43 26.77
C ASP A 180 0.34 14.30 26.62
N ALA A 181 -0.90 14.59 26.91
CA ALA A 181 -1.92 13.55 26.88
C ALA A 181 -2.16 12.85 25.49
N MET A 182 -1.77 13.54 24.42
CA MET A 182 -1.75 12.93 23.10
C MET A 182 -0.70 11.79 22.96
N LEU A 183 0.28 11.73 23.82
CA LEU A 183 1.34 10.76 23.70
C LEU A 183 1.32 9.89 24.98
N GLY A 184 0.27 9.99 25.77
CA GLY A 184 -0.44 8.90 26.37
C GLY A 184 -0.90 7.56 25.87
N ALA A 185 -2.15 7.39 26.12
CA ALA A 185 -2.93 6.27 25.68
C ALA A 185 -2.81 5.98 24.20
N TYR A 186 -2.58 4.72 23.91
CA TYR A 186 -2.20 4.31 22.60
C TYR A 186 -3.46 3.93 21.89
N THR A 187 -4.17 4.97 21.46
CA THR A 187 -5.51 4.79 21.12
C THR A 187 -5.96 5.98 20.19
N GLY A 188 -7.06 5.77 19.51
CA GLY A 188 -7.81 6.83 18.85
C GLY A 188 -6.99 7.45 17.71
N THR A 189 -6.70 8.73 17.81
CA THR A 189 -5.82 9.42 16.85
C THR A 189 -4.32 9.31 17.20
N SER A 190 -3.94 8.49 18.21
CA SER A 190 -2.55 8.48 18.74
C SER A 190 -1.98 7.03 18.60
N THR A 191 -2.21 6.49 17.41
CA THR A 191 -1.69 5.20 17.08
C THR A 191 -0.95 5.14 15.78
N GLY A 192 -0.08 4.17 15.67
CA GLY A 192 0.62 3.94 14.43
C GLY A 192 1.42 5.11 13.81
N ALA A 193 1.10 5.39 12.54
CA ALA A 193 1.70 6.51 11.78
C ALA A 193 1.39 7.86 12.39
N ASN A 194 0.20 8.00 12.93
CA ASN A 194 -0.19 9.16 13.68
C ASN A 194 0.66 9.39 14.95
N ARG A 195 0.83 8.37 15.76
CA ARG A 195 1.67 8.45 16.96
C ARG A 195 3.05 8.95 16.61
N VAL A 196 3.59 8.37 15.55
CA VAL A 196 4.95 8.69 15.12
C VAL A 196 5.06 10.16 14.71
N ASP A 197 4.03 10.60 13.98
CA ASP A 197 3.95 12.03 13.60
C ASP A 197 3.79 13.03 14.76
N LEU A 198 2.99 12.64 15.71
CA LEU A 198 2.92 13.43 16.94
C LEU A 198 4.24 13.52 17.69
N CYS A 199 4.95 12.39 17.78
CA CYS A 199 6.25 12.36 18.47
C CYS A 199 7.24 13.23 17.77
N ARG A 200 7.12 13.34 16.47
CA ARG A 200 8.04 14.22 15.67
C ARG A 200 7.96 15.62 16.16
N SER A 201 6.73 16.18 16.26
CA SER A 201 6.64 17.58 16.71
C SER A 201 7.06 17.80 18.20
N VAL A 202 6.63 16.86 19.07
CA VAL A 202 6.96 16.92 20.52
C VAL A 202 8.47 16.78 20.72
N ALA A 203 9.11 15.87 20.01
CA ALA A 203 10.59 15.75 20.07
C ALA A 203 11.28 17.08 19.72
N LEU A 204 10.91 17.66 18.57
CA LEU A 204 11.55 18.91 18.15
C LEU A 204 11.19 20.04 19.08
N ARG A 205 9.96 20.05 19.58
CA ARG A 205 9.55 21.05 20.55
C ARG A 205 10.44 20.97 21.78
N GLY A 206 10.79 19.73 22.16
CA GLY A 206 11.72 19.53 23.24
C GLY A 206 13.13 20.00 22.98
N VAL A 207 13.65 19.74 21.79
CA VAL A 207 14.96 20.23 21.33
C VAL A 207 14.98 21.73 21.32
N LEU A 208 13.99 22.34 20.70
CA LEU A 208 14.02 23.77 20.41
C LEU A 208 13.72 24.55 21.66
N GLY A 209 12.85 23.98 22.49
CA GLY A 209 12.51 24.62 23.75
C GLY A 209 13.40 24.17 24.95
N ARG A 210 14.42 23.32 24.70
CA ARG A 210 15.37 22.82 25.73
C ARG A 210 14.60 22.22 26.89
N ALA A 211 13.72 21.30 26.54
CA ALA A 211 12.79 20.69 27.51
C ALA A 211 12.98 19.18 27.48
N PRO A 212 13.94 18.69 28.30
CA PRO A 212 14.36 17.32 28.15
C PRO A 212 13.19 16.38 28.37
N ALA A 213 12.23 16.78 29.22
CA ALA A 213 11.13 15.88 29.50
C ALA A 213 10.25 15.61 28.27
N LYS A 214 10.13 16.60 27.41
CA LYS A 214 9.42 16.50 26.19
C LYS A 214 10.15 15.57 25.24
N ILE A 215 11.46 15.66 25.12
CA ILE A 215 12.18 14.69 24.32
C ILE A 215 12.04 13.26 24.86
N ALA A 216 12.18 13.09 26.19
CA ALA A 216 12.01 11.75 26.81
C ALA A 216 10.62 11.19 26.53
N LEU A 217 9.61 12.05 26.62
CA LEU A 217 8.24 11.62 26.33
C LEU A 217 8.06 11.20 24.87
N ALA A 218 8.58 11.95 23.92
CA ALA A 218 8.53 11.58 22.52
C ALA A 218 9.24 10.22 22.27
N ARG A 219 10.45 10.03 22.81
CA ARG A 219 11.15 8.73 22.68
C ARG A 219 10.26 7.63 23.24
N ASP A 220 9.81 7.82 24.50
CA ASP A 220 9.09 6.72 25.15
C ASP A 220 7.81 6.40 24.45
N ALA A 221 7.19 7.40 23.83
CA ALA A 221 5.89 7.20 23.20
C ALA A 221 5.97 6.45 21.91
N LEU A 222 7.13 6.30 21.31
CA LEU A 222 7.26 5.51 20.17
C LEU A 222 7.14 4.01 20.49
N SER A 223 7.42 3.59 21.73
CA SER A 223 7.53 2.16 22.02
C SER A 223 6.30 1.35 21.64
N PRO A 224 5.08 1.90 21.86
CA PRO A 224 3.94 1.06 21.50
C PRO A 224 3.71 0.90 20.01
N VAL A 225 4.37 1.66 19.17
CA VAL A 225 4.30 1.51 17.73
C VAL A 225 4.93 0.22 17.25
N PHE A 226 5.92 -0.26 17.99
CA PHE A 226 6.78 -1.34 17.48
C PHE A 226 6.27 -2.76 17.55
N PRO A 227 5.63 -3.17 18.61
CA PRO A 227 5.27 -4.56 18.67
C PRO A 227 4.28 -4.96 17.57
N TYR A 228 4.42 -6.19 17.08
CA TYR A 228 3.40 -6.74 16.20
C TYR A 228 2.04 -6.82 16.89
N VAL A 229 0.99 -6.59 16.11
CA VAL A 229 -0.37 -6.54 16.65
C VAL A 229 -1.20 -7.68 16.07
N THR A 230 -2.31 -8.01 16.76
CA THR A 230 -3.17 -9.03 16.30
C THR A 230 -4.50 -8.43 15.90
N LYS A 231 -4.70 -7.17 16.13
CA LYS A 231 -5.94 -6.56 15.75
C LYS A 231 -5.63 -5.09 15.62
N GLY A 232 -6.47 -4.40 14.87
CA GLY A 232 -6.30 -2.94 14.76
C GLY A 232 -5.07 -2.48 14.04
N ASP A 233 -4.68 -1.27 14.37
CA ASP A 233 -3.59 -0.63 13.72
C ASP A 233 -2.17 -1.20 14.09
N GLY A 234 -1.33 -1.25 13.11
CA GLY A 234 0.07 -1.62 13.25
C GLY A 234 0.55 -2.63 12.25
N LEU A 235 1.78 -3.08 12.48
CA LEU A 235 2.39 -4.18 11.80
C LEU A 235 1.99 -5.50 12.42
N TYR A 236 1.74 -6.49 11.56
CA TYR A 236 1.39 -7.80 11.98
C TYR A 236 2.58 -8.70 11.73
N ALA A 237 2.62 -9.88 12.38
CA ALA A 237 3.70 -10.87 12.18
C ALA A 237 3.86 -11.33 10.74
N ASP A 238 2.78 -11.36 10.03
CA ASP A 238 2.79 -11.84 8.63
C ASP A 238 3.19 -10.83 7.62
N GLY A 239 3.49 -9.63 8.11
CA GLY A 239 3.97 -8.55 7.30
C GLY A 239 2.90 -7.52 6.96
N SER A 240 1.67 -7.73 7.38
CA SER A 240 0.58 -6.83 7.02
C SER A 240 0.72 -5.53 7.82
N PHE A 241 0.15 -4.49 7.25
CA PHE A 241 0.10 -3.17 7.88
C PHE A 241 -1.29 -2.50 7.77
N VAL A 242 -1.90 -2.21 8.92
CA VAL A 242 -3.29 -1.78 8.98
C VAL A 242 -3.31 -0.46 9.65
N GLN A 243 -4.11 0.44 9.11
CA GLN A 243 -4.38 1.72 9.74
C GLN A 243 -5.88 2.09 9.62
N HIS A 244 -6.32 2.98 10.49
CA HIS A 244 -7.70 3.27 10.68
C HIS A 244 -8.52 2.08 11.04
N THR A 245 -7.91 1.17 11.81
CA THR A 245 -8.51 -0.03 12.36
C THR A 245 -8.73 -1.20 11.40
N TRP A 246 -9.20 -0.87 10.20
CA TRP A 246 -9.68 -1.84 9.20
C TRP A 246 -9.19 -1.68 7.76
N VAL A 247 -8.22 -0.80 7.50
CA VAL A 247 -7.79 -0.52 6.17
C VAL A 247 -6.34 -0.93 5.89
N ALA A 248 -6.18 -1.69 4.80
CA ALA A 248 -4.88 -2.21 4.37
C ALA A 248 -4.12 -1.01 3.92
N TYR A 249 -2.97 -0.73 4.47
CA TYR A 249 -2.43 0.62 4.31
C TYR A 249 -0.87 0.79 4.27
N SER A 250 -0.16 -0.24 3.90
CA SER A 250 1.29 -0.23 3.86
C SER A 250 1.86 0.89 3.01
N GLY A 251 1.14 1.29 1.97
CA GLY A 251 1.68 2.14 0.95
C GLY A 251 1.72 3.63 1.24
N THR A 252 0.86 4.12 2.13
CA THR A 252 0.78 5.54 2.46
C THR A 252 1.03 5.77 3.96
N TYR A 253 0.10 5.38 4.81
CA TYR A 253 0.37 5.36 6.21
C TYR A 253 1.60 4.60 6.56
N GLY A 254 1.86 3.43 5.96
CA GLY A 254 3.03 2.71 6.38
C GLY A 254 4.30 3.48 6.03
N GLN A 255 4.29 4.19 4.91
CA GLN A 255 5.41 5.05 4.55
C GLN A 255 5.60 6.23 5.50
N VAL A 256 4.53 6.85 5.91
CA VAL A 256 4.59 7.90 6.95
C VAL A 256 5.18 7.39 8.25
N MET A 257 4.75 6.25 8.70
CA MET A 257 5.39 5.63 9.88
C MET A 257 6.92 5.40 9.65
N LEU A 258 7.28 4.74 8.57
CA LEU A 258 8.69 4.44 8.27
C LEU A 258 9.55 5.73 8.17
N ASP A 259 8.96 6.74 7.53
CA ASP A 259 9.62 8.04 7.34
C ASP A 259 9.94 8.66 8.71
N GLY A 260 8.92 8.79 9.55
CA GLY A 260 9.03 9.41 10.82
C GLY A 260 10.01 8.66 11.71
N LEU A 261 9.91 7.31 11.67
CA LEU A 261 10.74 6.50 12.49
C LEU A 261 12.22 6.64 12.11
N GLY A 262 12.48 6.53 10.82
CA GLY A 262 13.83 6.75 10.30
C GLY A 262 14.40 8.10 10.75
N ARG A 263 13.61 9.15 10.54
CA ARG A 263 14.08 10.47 10.94
C ARG A 263 14.42 10.58 12.45
N LEU A 264 13.50 10.13 13.31
CA LEU A 264 13.69 10.21 14.76
C LEU A 264 14.80 9.31 15.21
N PHE A 265 14.88 8.10 14.66
CA PHE A 265 16.01 7.19 15.03
C PHE A 265 17.38 7.86 14.76
N THR A 266 17.48 8.44 13.57
CA THR A 266 18.67 9.15 13.14
C THR A 266 18.93 10.40 14.00
N LEU A 267 17.89 11.19 14.23
CA LEU A 267 18.03 12.36 15.09
C LEU A 267 18.59 12.05 16.48
N LEU A 268 17.95 11.13 17.19
CA LEU A 268 18.24 10.84 18.58
C LEU A 268 19.42 9.92 18.89
N ALA A 269 19.95 9.25 17.86
CA ALA A 269 21.07 8.30 18.04
C ALA A 269 22.31 9.02 18.60
N GLY A 270 22.88 8.45 19.67
CA GLY A 270 24.05 9.04 20.34
C GLY A 270 23.63 10.00 21.42
N SER A 271 22.33 10.38 21.52
CA SER A 271 21.94 11.37 22.55
C SER A 271 21.42 10.72 23.83
N GLU A 272 21.11 11.56 24.82
CA GLU A 272 20.49 11.04 26.05
C GLU A 272 19.15 10.39 25.80
N TRP A 273 18.51 10.75 24.69
CA TRP A 273 17.17 10.24 24.38
C TRP A 273 17.13 9.28 23.23
N GLU A 274 18.25 8.64 22.96
CA GLU A 274 18.29 7.64 21.90
C GLU A 274 17.17 6.58 22.12
N VAL A 275 16.59 6.11 21.00
CA VAL A 275 15.59 5.06 20.99
C VAL A 275 16.27 3.68 21.18
N THR A 276 16.10 3.12 22.37
CA THR A 276 16.81 1.87 22.73
C THR A 276 15.92 0.61 22.80
N ASP A 277 14.59 0.80 22.78
CA ASP A 277 13.63 -0.32 22.77
C ASP A 277 14.06 -1.33 21.73
N PRO A 278 14.21 -2.64 22.14
CA PRO A 278 14.56 -3.68 21.19
C PRO A 278 13.48 -3.90 20.12
N GLY A 279 12.27 -3.45 20.37
CA GLY A 279 11.23 -3.59 19.34
C GLY A 279 11.56 -2.77 18.09
N ARG A 280 12.40 -1.74 18.22
CA ARG A 280 12.92 -1.03 17.06
C ARG A 280 13.35 -1.99 15.93
N GLN A 281 13.92 -3.12 16.30
CA GLN A 281 14.39 -4.09 15.35
C GLN A 281 13.25 -4.59 14.52
N LEU A 282 12.04 -4.68 15.05
CA LEU A 282 10.91 -5.14 14.25
C LEU A 282 10.63 -4.16 13.08
N VAL A 283 10.84 -2.89 13.30
CA VAL A 283 10.71 -1.87 12.26
C VAL A 283 11.72 -2.09 11.18
N LEU A 284 12.95 -2.38 11.56
CA LEU A 284 13.99 -2.73 10.58
C LEU A 284 13.64 -4.00 9.80
N ASP A 285 13.12 -5.01 10.48
CA ASP A 285 12.71 -6.26 9.83
C ASP A 285 11.59 -6.04 8.80
N SER A 286 10.77 -5.03 9.04
CA SER A 286 9.60 -4.79 8.23
C SER A 286 9.94 -4.30 6.85
N VAL A 287 11.12 -3.74 6.68
CA VAL A 287 11.53 -3.23 5.39
C VAL A 287 11.41 -4.34 4.34
N GLU A 288 11.91 -5.51 4.61
CA GLU A 288 11.90 -6.57 3.62
C GLU A 288 10.74 -7.47 3.77
N HIS A 289 10.20 -7.57 4.98
CA HIS A 289 9.10 -8.47 5.27
C HIS A 289 7.72 -7.86 4.84
N ALA A 290 7.57 -6.57 5.12
CA ALA A 290 6.30 -5.86 5.00
C ALA A 290 6.22 -4.99 3.78
N TYR A 291 7.24 -4.21 3.55
CA TYR A 291 7.13 -3.17 2.55
C TYR A 291 7.68 -3.56 1.19
N ALA A 292 8.87 -4.15 1.15
CA ALA A 292 9.52 -4.48 -0.13
C ALA A 292 8.66 -5.33 -1.07
N PRO A 293 7.95 -6.34 -0.55
CA PRO A 293 7.14 -7.14 -1.47
C PRO A 293 6.06 -6.36 -2.25
N LEU A 294 5.65 -5.18 -1.74
CA LEU A 294 4.54 -4.43 -2.33
C LEU A 294 5.09 -3.39 -3.32
N ILE A 295 6.39 -3.40 -3.53
CA ILE A 295 7.00 -2.45 -4.43
C ILE A 295 7.46 -3.13 -5.69
N HIS A 296 6.91 -2.67 -6.81
CA HIS A 296 7.20 -3.25 -8.10
C HIS A 296 7.77 -2.21 -9.08
N ASP A 297 9.07 -2.32 -9.38
CA ASP A 297 9.74 -1.44 -10.32
C ASP A 297 9.48 0.04 -9.97
N GLY A 298 9.47 0.33 -8.70
CA GLY A 298 9.33 1.66 -8.25
C GLY A 298 7.98 2.08 -7.69
N LEU A 299 6.94 1.36 -8.01
CA LEU A 299 5.58 1.65 -7.55
C LEU A 299 5.22 0.81 -6.33
N VAL A 300 4.41 1.38 -5.42
CA VAL A 300 3.82 0.61 -4.30
C VAL A 300 2.38 0.37 -4.71
N MET A 301 1.96 -0.90 -4.64
CA MET A 301 0.68 -1.28 -5.24
C MET A 301 -0.51 -0.52 -4.65
N ASP A 302 -1.38 -0.08 -5.54
CA ASP A 302 -2.59 0.67 -5.12
C ASP A 302 -3.53 -0.05 -4.15
N THR A 303 -3.43 -1.38 -4.11
CA THR A 303 -4.16 -2.18 -3.18
C THR A 303 -3.87 -1.77 -1.74
N VAL A 304 -2.73 -1.13 -1.49
CA VAL A 304 -2.34 -0.75 -0.12
C VAL A 304 -2.22 0.73 0.06
N ASN A 305 -2.81 1.48 -0.88
CA ASN A 305 -2.77 2.94 -0.81
C ASN A 305 -4.11 3.59 -0.45
N GLY A 306 -5.07 2.77 -0.09
CA GLY A 306 -6.33 3.25 0.44
C GLY A 306 -6.93 4.43 -0.33
N ARG A 307 -7.32 5.48 0.38
CA ARG A 307 -8.03 6.54 -0.32
C ARG A 307 -7.10 7.42 -1.19
N ALA A 308 -5.81 7.28 -0.98
CA ALA A 308 -4.84 8.05 -1.67
C ALA A 308 -4.79 7.74 -3.19
N ILE A 309 -5.42 6.66 -3.61
CA ILE A 309 -5.41 6.30 -5.03
C ILE A 309 -6.10 7.42 -5.82
N SER A 310 -6.91 8.20 -5.14
CA SER A 310 -7.76 9.25 -5.77
C SER A 310 -7.14 10.65 -5.86
N ARG A 311 -5.92 10.82 -5.42
CA ARG A 311 -5.38 12.15 -5.27
C ARG A 311 -4.86 12.75 -6.57
N GLY A 312 -3.91 12.11 -7.23
CA GLY A 312 -3.45 12.60 -8.45
C GLY A 312 -2.83 13.98 -8.34
N TYR A 313 -3.33 14.87 -9.18
CA TYR A 313 -2.93 16.26 -9.06
C TYR A 313 -3.74 17.01 -8.00
N LEU A 314 -3.04 17.52 -6.97
CA LEU A 314 -3.69 18.14 -5.85
C LEU A 314 -3.70 19.66 -6.09
N LYS A 315 -4.83 20.30 -5.81
CA LYS A 315 -4.92 21.73 -6.00
C LYS A 315 -3.90 22.52 -5.15
N SER A 316 -3.55 22.05 -3.95
CA SER A 316 -2.64 22.76 -3.06
C SER A 316 -1.19 22.41 -3.23
N ASP A 317 -0.80 21.71 -4.31
CA ASP A 317 0.55 21.20 -4.44
C ASP A 317 1.24 22.20 -5.33
N ASP A 318 2.11 23.00 -4.74
CA ASP A 318 2.87 23.96 -5.51
C ASP A 318 3.95 23.39 -6.39
N LEU A 319 4.27 22.12 -6.32
CA LEU A 319 5.21 21.47 -7.27
C LEU A 319 4.48 20.81 -8.43
N HIS A 320 3.14 20.68 -8.37
CA HIS A 320 2.34 19.98 -9.41
C HIS A 320 2.88 18.62 -9.81
N VAL A 321 3.08 17.76 -8.83
CA VAL A 321 3.53 16.37 -9.03
C VAL A 321 2.33 15.42 -8.85
N MET A 322 2.02 14.63 -9.88
CA MET A 322 0.94 13.66 -9.76
C MET A 322 1.18 12.60 -8.71
N ARG A 323 0.24 12.46 -7.75
CA ARG A 323 0.24 11.29 -6.87
C ARG A 323 -0.15 10.08 -7.70
N SER A 324 0.37 8.92 -7.36
CA SER A 324 0.17 7.70 -8.15
C SER A 324 0.89 6.61 -7.37
N ASP A 325 0.71 5.39 -7.81
CA ASP A 325 1.43 4.25 -7.23
C ASP A 325 2.99 4.50 -7.25
N HIS A 326 3.41 5.12 -8.33
CA HIS A 326 4.90 5.42 -8.48
C HIS A 326 5.37 6.51 -7.59
N PHE A 327 4.58 7.57 -7.48
CA PHE A 327 4.79 8.60 -6.46
C PHE A 327 4.91 8.03 -5.04
N HIS A 328 3.93 7.22 -4.64
CA HIS A 328 3.94 6.63 -3.32
C HIS A 328 5.10 5.64 -3.11
N GLY A 329 5.43 4.89 -4.14
CA GLY A 329 6.58 3.94 -4.06
C GLY A 329 7.87 4.75 -3.85
N GLN A 330 7.97 5.87 -4.52
CA GLN A 330 9.22 6.68 -4.47
C GLN A 330 9.35 7.28 -3.06
N GLN A 331 8.23 7.68 -2.45
CA GLN A 331 8.30 8.16 -1.07
C GLN A 331 8.72 7.04 -0.12
N LEU A 332 8.28 5.83 -0.39
CA LEU A 332 8.62 4.73 0.47
C LEU A 332 10.10 4.40 0.36
N ILE A 333 10.59 4.43 -0.90
CA ILE A 333 12.04 4.23 -1.16
C ILE A 333 12.93 5.25 -0.46
N ALA A 334 12.51 6.54 -0.52
CA ALA A 334 13.19 7.59 0.24
C ALA A 334 13.19 7.29 1.78
N ALA A 335 12.05 6.83 2.33
CA ALA A 335 11.99 6.51 3.77
C ALA A 335 12.96 5.37 4.11
N MET A 336 12.99 4.37 3.23
CA MET A 336 13.95 3.24 3.40
C MET A 336 15.40 3.69 3.41
N ALA A 337 15.71 4.69 2.59
CA ALA A 337 17.06 5.22 2.53
C ALA A 337 17.51 5.89 3.78
N VAL A 338 16.61 6.60 4.43
CA VAL A 338 16.90 7.19 5.74
C VAL A 338 17.03 6.16 6.83
N LEU A 339 16.12 5.20 6.86
CA LEU A 339 16.18 4.11 7.87
C LEU A 339 17.50 3.31 7.77
N ALA A 340 17.96 3.10 6.54
CA ALA A 340 19.17 2.32 6.29
C ALA A 340 20.37 2.82 7.07
N GLY A 341 20.42 4.14 7.32
CA GLY A 341 21.51 4.78 8.10
C GLY A 341 21.72 4.20 9.50
N GLY A 342 20.68 3.71 10.18
CA GLY A 342 20.86 3.07 11.49
C GLY A 342 20.75 1.53 11.51
N ALA A 343 20.80 0.91 10.34
CA ALA A 343 20.61 -0.52 10.15
C ALA A 343 21.99 -1.17 10.28
N SER A 344 22.02 -2.49 10.40
CA SER A 344 23.28 -3.21 10.39
C SER A 344 23.89 -3.14 8.98
N ASN A 345 25.16 -3.41 8.90
CA ASN A 345 25.86 -3.52 7.59
C ASN A 345 25.16 -4.45 6.63
N ALA A 346 24.74 -5.60 7.15
CA ALA A 346 24.13 -6.60 6.33
C ALA A 346 22.74 -6.09 5.83
N GLU A 347 21.95 -5.51 6.72
CA GLU A 347 20.63 -5.00 6.37
C GLU A 347 20.81 -3.90 5.33
N ARG A 348 21.71 -2.98 5.59
CA ARG A 348 21.97 -1.87 4.69
C ARG A 348 22.36 -2.34 3.31
N GLU A 349 23.25 -3.34 3.27
CA GLU A 349 23.67 -3.86 2.00
C GLU A 349 22.49 -4.48 1.20
N ARG A 350 21.59 -5.20 1.88
CA ARG A 350 20.48 -5.83 1.17
C ARG A 350 19.55 -4.68 0.69
N TRP A 351 19.23 -3.70 1.55
CA TRP A 351 18.22 -2.69 1.21
C TRP A 351 18.70 -1.82 0.09
N HIS A 352 20.01 -1.52 0.10
CA HIS A 352 20.58 -0.77 -0.96
C HIS A 352 20.60 -1.48 -2.31
N ALA A 353 20.74 -2.78 -2.33
CA ALA A 353 20.66 -3.52 -3.55
C ALA A 353 19.23 -3.49 -4.05
N ARG A 354 18.25 -3.62 -3.17
CA ARG A 354 16.87 -3.60 -3.63
C ARG A 354 16.63 -2.23 -4.25
N ILE A 355 17.12 -1.22 -3.59
CA ILE A 355 16.82 0.14 -3.98
C ILE A 355 17.51 0.46 -5.28
N LYS A 356 18.75 0.04 -5.44
CA LYS A 356 19.37 0.10 -6.77
C LYS A 356 18.55 -0.57 -7.85
N GLY A 357 17.96 -1.71 -7.57
CA GLY A 357 17.16 -2.35 -8.58
C GLY A 357 15.93 -1.56 -8.94
N TRP A 358 15.20 -1.03 -7.93
CA TRP A 358 13.94 -0.25 -8.23
C TRP A 358 14.34 1.02 -9.00
N ILE A 359 15.48 1.60 -8.65
CA ILE A 359 15.98 2.76 -9.42
C ILE A 359 16.27 2.41 -10.91
N GLU A 360 16.94 1.28 -11.16
CA GLU A 360 17.18 0.89 -12.51
C GLU A 360 15.89 0.66 -13.30
N ARG A 361 14.88 0.12 -12.69
CA ARG A 361 13.77 -0.44 -13.47
C ARG A 361 12.61 0.58 -13.54
N ASP A 362 12.58 1.56 -12.65
CA ASP A 362 11.50 2.60 -12.73
C ASP A 362 11.69 3.52 -13.93
N THR A 363 11.07 3.16 -15.05
CA THR A 363 11.12 4.02 -16.21
C THR A 363 9.89 4.97 -16.25
N VAL A 364 8.98 4.90 -15.32
CA VAL A 364 7.78 5.69 -15.44
C VAL A 364 8.10 7.04 -14.79
N THR A 365 8.67 7.01 -13.59
CA THR A 365 9.03 8.20 -12.75
C THR A 365 10.44 7.96 -12.22
N PRO A 366 11.44 8.29 -13.02
CA PRO A 366 12.87 8.11 -12.66
C PRO A 366 13.20 8.60 -11.29
N VAL A 367 13.59 7.70 -10.41
CA VAL A 367 13.73 7.98 -8.99
C VAL A 367 14.73 9.14 -8.77
N LEU A 368 15.83 9.11 -9.51
CA LEU A 368 16.93 9.98 -9.19
C LEU A 368 16.70 11.41 -9.59
N THR A 369 15.62 11.66 -10.31
CA THR A 369 15.22 13.03 -10.52
C THR A 369 13.76 13.33 -10.10
N ALA A 370 13.21 12.57 -9.15
CA ALA A 370 11.79 12.62 -8.87
C ALA A 370 11.55 14.05 -8.45
N PRO A 371 10.54 14.69 -9.05
CA PRO A 371 10.31 16.12 -8.74
C PRO A 371 9.85 16.45 -7.31
N GLN A 372 9.31 15.51 -6.56
CA GLN A 372 8.92 15.86 -5.18
C GLN A 372 10.09 15.79 -4.20
N PHE A 373 11.23 15.26 -4.62
CA PHE A 373 12.34 15.07 -3.63
C PHE A 373 13.09 16.36 -3.39
N PRO A 374 13.14 16.83 -2.17
CA PRO A 374 14.11 17.86 -1.95
C PRO A 374 15.59 17.35 -1.93
N VAL A 375 16.55 18.28 -1.84
CA VAL A 375 17.92 17.90 -2.05
C VAL A 375 18.44 16.83 -1.10
N ALA A 376 17.89 16.82 0.12
CA ALA A 376 18.30 15.77 1.11
C ALA A 376 17.99 14.37 0.63
N ASP A 377 16.77 14.18 0.10
CA ASP A 377 16.38 12.89 -0.42
C ASP A 377 17.17 12.59 -1.65
N LEU A 378 17.32 13.62 -2.50
CA LEU A 378 18.15 13.39 -3.68
C LEU A 378 19.55 12.87 -3.35
N THR A 379 20.15 13.46 -2.30
CA THR A 379 21.55 13.13 -1.92
CA THR A 379 21.56 13.11 -1.92
C THR A 379 21.66 11.73 -1.38
N ARG A 380 20.66 11.33 -0.59
CA ARG A 380 20.62 9.91 -0.10
C ARG A 380 20.44 8.88 -1.19
N LEU A 381 19.61 9.18 -2.19
CA LEU A 381 19.33 8.24 -3.24
C LEU A 381 20.51 8.11 -4.22
N HIS A 382 21.08 9.27 -4.55
CA HIS A 382 22.26 9.32 -5.40
C HIS A 382 23.47 8.61 -4.76
N ALA A 383 23.58 8.69 -3.45
CA ALA A 383 24.61 7.94 -2.73
C ALA A 383 24.44 6.44 -2.88
N ILE A 384 23.18 5.95 -2.80
CA ILE A 384 22.92 4.52 -3.05
C ILE A 384 23.24 4.14 -4.50
N ALA A 385 22.73 4.93 -5.44
CA ALA A 385 22.98 4.62 -6.86
C ALA A 385 24.49 4.57 -7.15
N ASP A 386 25.21 5.48 -6.54
CA ASP A 386 26.67 5.55 -6.77
C ASP A 386 27.52 4.56 -6.02
N ALA A 387 27.00 3.98 -4.96
CA ALA A 387 27.78 3.03 -4.19
C ALA A 387 28.09 1.75 -5.05
N PRO A 388 29.14 1.01 -4.64
CA PRO A 388 29.35 -0.32 -5.28
C PRO A 388 28.25 -1.28 -4.86
N GLY A 389 27.90 -2.20 -5.75
CA GLY A 389 26.96 -3.23 -5.41
C GLY A 389 26.10 -3.45 -6.61
N GLU A 390 25.40 -4.57 -6.58
CA GLU A 390 24.62 -4.97 -7.72
C GLU A 390 23.21 -4.48 -7.41
N ALA A 391 22.43 -4.29 -8.47
CA ALA A 391 21.02 -3.98 -8.33
C ALA A 391 20.32 -5.33 -8.21
N ALA A 392 19.44 -5.52 -7.20
CA ALA A 392 18.80 -6.77 -6.99
C ALA A 392 17.53 -6.79 -7.84
N PRO A 393 17.23 -7.93 -8.52
CA PRO A 393 15.84 -8.15 -9.03
C PRO A 393 14.86 -8.42 -7.92
N GLU A 394 13.57 -8.29 -8.17
CA GLU A 394 12.52 -8.70 -7.20
C GLU A 394 12.45 -10.20 -7.32
N PRO A 395 12.55 -10.88 -6.21
CA PRO A 395 12.55 -12.37 -6.26
C PRO A 395 11.19 -12.89 -6.71
N VAL A 396 11.19 -13.98 -7.46
CA VAL A 396 10.02 -14.75 -7.73
C VAL A 396 9.47 -15.33 -6.43
N GLY A 397 8.16 -15.24 -6.23
CA GLY A 397 7.57 -15.76 -5.03
C GLY A 397 6.21 -15.21 -4.78
N HIS A 398 5.61 -15.69 -3.75
CA HIS A 398 4.29 -15.30 -3.35
C HIS A 398 4.41 -14.80 -1.87
N HIS A 399 3.64 -13.73 -1.63
CA HIS A 399 3.46 -13.17 -0.25
C HIS A 399 1.98 -13.03 0.06
N LEU A 400 1.47 -13.77 1.02
CA LEU A 400 0.09 -13.72 1.39
C LEU A 400 0.04 -12.92 2.69
N PHE A 401 -0.43 -11.68 2.56
CA PHE A 401 -0.59 -10.83 3.74
C PHE A 401 -1.98 -11.02 4.36
N ALA A 402 -2.20 -12.09 5.08
CA ALA A 402 -3.52 -12.50 5.38
C ALA A 402 -4.17 -11.50 6.31
N ALA A 403 -3.42 -10.94 7.20
CA ALA A 403 -3.99 -10.09 8.18
C ALA A 403 -4.56 -8.81 7.55
N MET A 404 -4.09 -8.41 6.39
CA MET A 404 -4.74 -7.32 5.71
C MET A 404 -5.51 -7.72 4.41
N ASP A 405 -5.80 -9.01 4.22
CA ASP A 405 -6.44 -9.56 3.03
C ASP A 405 -5.86 -9.08 1.71
N ARG A 406 -4.55 -9.17 1.56
CA ARG A 406 -3.85 -8.82 0.36
C ARG A 406 -2.90 -10.00 -0.02
N ALA A 407 -2.71 -10.17 -1.34
CA ALA A 407 -1.74 -11.15 -1.89
C ALA A 407 -0.93 -10.47 -2.96
N VAL A 408 0.35 -10.76 -3.00
CA VAL A 408 1.28 -10.38 -4.04
C VAL A 408 1.94 -11.62 -4.66
N HIS A 409 1.92 -11.68 -5.99
CA HIS A 409 2.48 -12.80 -6.74
C HIS A 409 3.52 -12.29 -7.74
N ARG A 410 4.68 -12.88 -7.76
CA ARG A 410 5.73 -12.54 -8.75
C ARG A 410 6.24 -13.78 -9.46
N ARG A 411 6.19 -13.73 -10.80
CA ARG A 411 6.67 -14.78 -11.66
C ARG A 411 7.58 -14.14 -12.68
N PRO A 412 8.34 -14.94 -13.47
CA PRO A 412 9.14 -14.26 -14.53
C PRO A 412 8.28 -13.38 -15.45
N ALA A 413 7.05 -13.77 -15.78
CA ALA A 413 6.32 -13.06 -16.83
C ALA A 413 5.52 -11.86 -16.22
N PHE A 414 5.24 -11.85 -14.92
CA PHE A 414 4.31 -10.88 -14.38
C PHE A 414 4.36 -10.72 -12.88
N THR A 415 3.80 -9.55 -12.48
CA THR A 415 3.57 -9.27 -11.05
C THR A 415 2.08 -9.00 -10.86
N ALA A 416 1.48 -9.45 -9.79
CA ALA A 416 0.06 -9.25 -9.53
C ALA A 416 -0.16 -8.89 -8.05
N GLY A 417 -1.19 -8.04 -7.82
CA GLY A 417 -1.64 -7.74 -6.44
C GLY A 417 -3.13 -7.98 -6.39
N LEU A 418 -3.59 -8.71 -5.40
CA LEU A 418 -5.00 -8.95 -5.16
C LEU A 418 -5.46 -8.25 -3.86
N ALA A 419 -6.69 -7.67 -3.94
CA ALA A 419 -7.33 -7.02 -2.82
C ALA A 419 -8.68 -7.67 -2.49
N MET A 420 -8.83 -8.09 -1.27
CA MET A 420 -10.07 -8.63 -0.80
C MET A 420 -10.60 -7.73 0.34
N ALA A 421 -11.65 -8.16 1.00
CA ALA A 421 -12.24 -7.54 2.16
C ALA A 421 -12.96 -8.58 3.00
N SER A 422 -13.17 -8.26 4.27
CA SER A 422 -13.58 -9.27 5.25
C SER A 422 -14.19 -8.56 6.46
N ASP A 423 -14.59 -9.30 7.46
CA ASP A 423 -14.98 -8.68 8.72
C ASP A 423 -13.86 -7.92 9.38
N ARG A 424 -12.61 -8.16 9.03
CA ARG A 424 -11.39 -7.47 9.64
C ARG A 424 -10.97 -6.31 8.75
N ILE A 425 -11.34 -6.30 7.46
CA ILE A 425 -10.71 -5.43 6.47
C ILE A 425 -11.77 -4.81 5.58
N ALA A 426 -11.88 -3.51 5.66
CA ALA A 426 -12.85 -2.73 4.91
C ALA A 426 -12.85 -2.88 3.40
N HIS A 427 -14.04 -2.79 2.85
CA HIS A 427 -14.23 -2.77 1.43
C HIS A 427 -13.40 -1.68 0.71
N TYR A 428 -13.38 -0.51 1.35
CA TYR A 428 -12.64 0.63 0.96
C TYR A 428 -12.72 1.77 1.94
N GLU A 429 -11.82 2.75 1.72
CA GLU A 429 -11.76 3.93 2.55
C GLU A 429 -12.11 5.08 1.69
N CYS A 430 -13.13 5.79 2.12
CA CYS A 430 -13.33 7.15 1.71
C CYS A 430 -13.32 8.08 2.93
N GLY A 431 -13.04 9.34 2.64
CA GLY A 431 -12.93 10.34 3.73
C GLY A 431 -12.34 11.63 3.24
N ASN A 432 -12.71 12.73 3.89
CA ASN A 432 -12.11 14.07 3.60
C ASN A 432 -12.25 14.45 2.15
N GLY A 433 -13.35 13.97 1.56
CA GLY A 433 -13.63 14.20 0.17
C GLY A 433 -12.92 13.31 -0.83
N GLU A 434 -12.25 12.26 -0.39
CA GLU A 434 -11.41 11.45 -1.23
C GLU A 434 -12.07 10.09 -1.43
N ASN A 435 -11.86 9.55 -2.62
CA ASN A 435 -12.21 8.15 -2.97
C ASN A 435 -13.69 7.82 -2.73
N PRO A 436 -14.56 8.67 -3.23
CA PRO A 436 -15.98 8.42 -3.01
C PRO A 436 -16.56 7.22 -3.74
N ARG A 437 -15.92 6.73 -4.79
CA ARG A 437 -16.42 5.62 -5.54
C ARG A 437 -15.59 4.33 -5.50
N GLY A 438 -14.79 4.16 -4.46
CA GLY A 438 -13.88 2.96 -4.36
C GLY A 438 -14.50 1.75 -3.81
N TRP A 439 -15.84 1.70 -3.85
CA TRP A 439 -16.66 0.63 -3.21
C TRP A 439 -16.20 -0.82 -3.48
N HIS A 440 -15.81 -1.02 -4.76
CA HIS A 440 -15.45 -2.39 -5.20
C HIS A 440 -13.98 -2.69 -5.33
N THR A 441 -13.14 -1.79 -4.78
CA THR A 441 -11.69 -2.07 -4.70
C THR A 441 -11.31 -3.27 -3.85
N GLY A 442 -12.21 -3.69 -2.97
CA GLY A 442 -12.00 -4.90 -2.12
C GLY A 442 -12.79 -6.14 -2.54
N ALA A 443 -13.43 -6.05 -3.74
CA ALA A 443 -14.35 -7.16 -4.18
C ALA A 443 -13.62 -8.18 -5.01
N GLY A 444 -12.36 -8.55 -4.62
CA GLY A 444 -11.61 -9.54 -5.35
C GLY A 444 -10.91 -8.83 -6.53
N MET A 445 -10.37 -7.66 -6.28
CA MET A 445 -9.73 -6.86 -7.31
C MET A 445 -8.31 -7.36 -7.56
N LEU A 446 -8.06 -7.82 -8.80
CA LEU A 446 -6.74 -8.38 -9.17
C LEU A 446 -6.06 -7.35 -10.08
N THR A 447 -5.04 -6.73 -9.63
CA THR A 447 -4.21 -5.80 -10.39
C THR A 447 -2.92 -6.55 -10.86
N TRP A 448 -2.40 -6.18 -12.06
CA TRP A 448 -1.20 -6.83 -12.55
C TRP A 448 -0.43 -6.04 -13.58
N TRP A 449 0.81 -6.40 -13.71
CA TRP A 449 1.78 -5.81 -14.61
C TRP A 449 2.55 -6.92 -15.34
N ALA A 450 2.71 -6.71 -16.66
CA ALA A 450 3.52 -7.65 -17.44
C ALA A 450 4.99 -7.22 -17.17
N ASN A 451 5.80 -8.17 -16.77
CA ASN A 451 7.18 -7.85 -16.38
C ASN A 451 7.95 -7.45 -17.63
N GLY A 452 8.94 -6.61 -17.43
CA GLY A 452 9.74 -6.09 -18.54
C GLY A 452 9.02 -5.10 -19.49
N THR A 453 7.85 -4.57 -19.09
CA THR A 453 7.17 -3.51 -19.88
C THR A 453 7.01 -2.31 -18.94
N ARG A 454 6.77 -1.14 -19.48
CA ARG A 454 6.58 0.04 -18.63
C ARG A 454 5.46 -0.21 -17.62
N ALA A 455 5.74 0.03 -16.30
CA ALA A 455 4.81 -0.30 -15.23
C ALA A 455 3.87 0.90 -14.92
N ASP A 456 3.15 1.40 -15.96
CA ASP A 456 2.30 2.55 -15.79
C ASP A 456 0.80 2.33 -15.89
N GLN A 457 0.36 1.07 -15.89
CA GLN A 457 -1.03 0.71 -16.00
C GLN A 457 -1.93 1.58 -15.11
N TYR A 458 -1.63 1.63 -13.82
CA TYR A 458 -2.49 2.23 -12.81
C TYR A 458 -2.10 3.65 -12.56
N THR A 459 -1.04 4.07 -13.22
CA THR A 459 -0.37 5.35 -12.95
C THR A 459 -0.93 6.42 -13.94
N ASP A 460 -1.24 5.97 -15.14
CA ASP A 460 -1.44 6.87 -16.29
C ASP A 460 -2.92 7.28 -16.41
N TRP A 461 -3.42 8.04 -15.43
CA TRP A 461 -4.78 8.48 -15.44
C TRP A 461 -5.78 7.28 -15.47
N PHE A 462 -5.43 6.24 -14.74
CA PHE A 462 -6.31 5.09 -14.53
C PHE A 462 -7.53 5.51 -13.65
N TRP A 463 -7.27 5.99 -12.44
CA TRP A 463 -8.32 6.14 -11.45
C TRP A 463 -9.31 7.21 -11.85
N PRO A 464 -8.84 8.33 -12.41
CA PRO A 464 -9.82 9.34 -12.80
C PRO A 464 -10.66 9.05 -14.07
N THR A 465 -10.31 8.02 -14.83
CA THR A 465 -11.12 7.61 -15.98
C THR A 465 -11.81 6.26 -15.88
N VAL A 466 -11.46 5.41 -14.94
CA VAL A 466 -11.95 4.06 -14.87
C VAL A 466 -13.45 4.06 -14.57
N ASP A 467 -14.14 3.10 -15.11
CA ASP A 467 -15.49 2.71 -14.61
C ASP A 467 -15.40 1.96 -13.27
N TRP A 468 -15.83 2.59 -12.18
CA TRP A 468 -15.71 2.10 -10.86
C TRP A 468 -16.67 0.98 -10.57
N TYR A 469 -17.61 0.73 -11.51
CA TYR A 469 -18.41 -0.49 -11.53
C TYR A 469 -17.79 -1.70 -12.16
N ARG A 470 -16.62 -1.53 -12.82
CA ARG A 470 -15.94 -2.62 -13.49
C ARG A 470 -14.45 -2.67 -13.20
N LEU A 471 -14.09 -2.80 -11.92
CA LEU A 471 -12.70 -2.98 -11.54
C LEU A 471 -12.28 -4.43 -11.88
N PRO A 472 -11.02 -4.60 -12.29
CA PRO A 472 -10.52 -5.85 -12.75
C PRO A 472 -10.58 -6.99 -11.69
N GLY A 473 -11.07 -8.12 -12.08
CA GLY A 473 -11.17 -9.29 -11.23
C GLY A 473 -12.40 -9.41 -10.39
N THR A 474 -13.14 -8.34 -10.25
CA THR A 474 -14.18 -8.28 -9.23
C THR A 474 -15.53 -8.90 -9.73
N THR A 475 -16.33 -9.35 -8.79
CA THR A 475 -17.69 -9.68 -9.03
C THR A 475 -18.57 -8.69 -8.27
N VAL A 476 -19.51 -8.11 -8.98
CA VAL A 476 -20.33 -6.99 -8.50
C VAL A 476 -21.74 -7.06 -9.02
N SER A 477 -22.66 -6.65 -8.19
CA SER A 477 -23.93 -6.16 -8.65
C SER A 477 -23.77 -4.86 -9.41
N THR A 478 -24.55 -4.68 -10.47
CA THR A 478 -24.53 -3.49 -11.25
C THR A 478 -25.41 -2.37 -10.65
N LYS A 479 -25.97 -2.60 -9.48
CA LYS A 479 -26.75 -1.62 -8.79
C LYS A 479 -25.94 -0.32 -8.65
N ARG A 480 -26.60 0.82 -8.96
CA ARG A 480 -25.97 2.12 -8.79
CA ARG A 480 -25.95 2.11 -8.78
C ARG A 480 -25.83 2.46 -7.28
N LEU A 481 -24.67 2.99 -6.87
CA LEU A 481 -24.34 3.27 -5.48
C LEU A 481 -24.13 4.78 -5.34
N ALA A 482 -24.45 5.27 -4.17
CA ALA A 482 -24.12 6.66 -3.81
C ALA A 482 -22.64 6.79 -3.59
N ASP A 483 -22.15 7.98 -3.86
CA ASP A 483 -20.85 8.39 -3.39
C ASP A 483 -20.72 8.18 -1.90
N ARG A 484 -19.60 7.57 -1.42
CA ARG A 484 -19.40 7.25 0.02
C ARG A 484 -20.36 6.22 0.62
N ALA A 485 -21.01 5.46 -0.22
CA ALA A 485 -21.88 4.38 0.24
C ALA A 485 -21.12 3.43 1.16
N GLY A 486 -21.74 3.07 2.30
CA GLY A 486 -21.09 2.22 3.33
C GLY A 486 -20.44 2.97 4.48
N GLY A 487 -20.19 4.24 4.28
CA GLY A 487 -19.52 5.12 5.30
C GLY A 487 -18.02 5.29 5.01
N GLU A 488 -17.45 6.22 5.75
CA GLU A 488 -16.08 6.67 5.68
C GLU A 488 -15.20 5.95 6.66
N TRP A 489 -13.88 6.11 6.43
CA TRP A 489 -12.86 5.60 7.27
C TRP A 489 -12.87 4.15 7.52
N GLY A 490 -13.19 3.35 6.47
CA GLY A 490 -13.18 1.90 6.60
C GLY A 490 -14.37 1.29 7.37
N ALA A 491 -15.42 2.09 7.54
CA ALA A 491 -16.69 1.60 8.15
C ALA A 491 -17.34 0.36 7.50
N PRO A 492 -17.42 0.29 6.15
CA PRO A 492 -18.05 -0.89 5.51
C PRO A 492 -17.17 -2.14 5.36
N LYS A 493 -17.51 -3.19 6.08
CA LYS A 493 -16.88 -4.48 6.02
C LYS A 493 -17.95 -5.49 5.64
N PRO A 494 -17.60 -6.43 4.78
CA PRO A 494 -18.54 -7.51 4.53
C PRO A 494 -18.65 -8.38 5.80
N ASP A 495 -19.87 -8.91 6.01
CA ASP A 495 -20.12 -9.79 7.16
C ASP A 495 -19.71 -11.26 6.85
N VAL A 496 -18.41 -11.54 6.77
CA VAL A 496 -17.87 -12.83 6.37
C VAL A 496 -16.68 -13.13 7.22
N ARG A 497 -16.31 -14.39 7.31
CA ARG A 497 -15.08 -14.79 8.00
C ARG A 497 -14.04 -15.42 7.07
N TRP A 498 -14.49 -16.20 6.07
CA TRP A 498 -13.61 -17.03 5.29
C TRP A 498 -13.04 -16.07 4.18
N VAL A 499 -11.92 -15.47 4.51
CA VAL A 499 -11.13 -14.71 3.54
C VAL A 499 -9.67 -14.98 3.90
N GLY A 500 -8.90 -15.50 2.97
CA GLY A 500 -7.49 -15.90 3.28
C GLY A 500 -7.02 -16.95 2.29
N GLY A 501 -6.05 -17.73 2.67
CA GLY A 501 -5.47 -18.72 1.78
C GLY A 501 -4.28 -19.41 2.33
N ALA A 502 -3.66 -20.26 1.52
CA ALA A 502 -2.50 -21.05 1.96
C ALA A 502 -1.46 -20.84 0.86
N THR A 503 -0.22 -20.73 1.24
CA THR A 503 0.88 -20.55 0.31
C THR A 503 2.14 -21.28 0.74
N ASP A 504 2.90 -21.75 -0.23
CA ASP A 504 4.26 -22.34 0.06
C ASP A 504 5.37 -21.29 -0.13
N GLY A 505 4.96 -20.06 -0.35
CA GLY A 505 5.91 -19.02 -0.67
C GLY A 505 6.18 -18.85 -2.18
N GLU A 506 5.61 -19.72 -2.99
CA GLU A 506 5.81 -19.69 -4.44
C GLU A 506 4.44 -19.66 -5.09
N TYR A 507 3.62 -20.62 -4.78
CA TYR A 507 2.25 -20.75 -5.35
C TYR A 507 1.26 -20.58 -4.20
N ALA A 508 0.02 -20.30 -4.55
CA ALA A 508 -0.98 -20.10 -3.53
C ALA A 508 -2.37 -20.35 -3.96
N ALA A 509 -3.18 -20.72 -2.96
CA ALA A 509 -4.65 -20.88 -3.04
C ALA A 509 -5.21 -19.76 -2.17
N VAL A 510 -5.98 -18.92 -2.78
CA VAL A 510 -6.57 -17.80 -2.10
C VAL A 510 -8.08 -17.70 -2.37
N GLY A 511 -8.84 -17.40 -1.34
CA GLY A 511 -10.30 -17.40 -1.39
C GLY A 511 -10.93 -16.23 -0.65
N GLN A 512 -12.01 -15.73 -1.25
CA GLN A 512 -12.82 -14.69 -0.65
C GLN A 512 -14.27 -15.00 -0.66
N HIS A 513 -14.84 -15.08 0.51
CA HIS A 513 -16.28 -15.13 0.66
C HIS A 513 -16.78 -13.70 0.56
N LEU A 514 -17.37 -13.39 -0.57
CA LEU A 514 -17.73 -12.04 -0.91
C LEU A 514 -19.13 -11.66 -0.60
N LYS A 515 -19.33 -10.58 0.08
CA LYS A 515 -20.66 -9.96 0.21
C LYS A 515 -20.45 -8.56 -0.31
N GLY A 516 -21.20 -8.20 -1.33
CA GLY A 516 -20.98 -6.97 -2.07
C GLY A 516 -21.41 -5.71 -1.33
N LEU A 517 -20.65 -4.65 -1.52
CA LEU A 517 -20.91 -3.40 -0.80
C LEU A 517 -22.27 -2.83 -1.28
N GLY A 518 -23.15 -2.57 -0.33
CA GLY A 518 -24.46 -1.98 -0.59
C GLY A 518 -25.36 -2.85 -1.43
N SER A 519 -25.11 -4.16 -1.47
CA SER A 519 -25.82 -5.03 -2.32
C SER A 519 -26.20 -6.28 -1.55
N THR A 520 -27.10 -7.10 -2.16
CA THR A 520 -27.44 -8.42 -1.59
C THR A 520 -26.60 -9.52 -2.24
N LEU A 521 -25.64 -9.14 -3.08
CA LEU A 521 -24.66 -10.06 -3.63
C LEU A 521 -23.87 -10.84 -2.67
N GLU A 522 -23.82 -12.15 -2.93
CA GLU A 522 -22.94 -13.06 -2.22
C GLU A 522 -22.26 -13.90 -3.29
N ALA A 523 -21.01 -14.28 -3.05
CA ALA A 523 -20.26 -15.13 -3.96
C ALA A 523 -19.07 -15.75 -3.26
N ARG A 524 -18.56 -16.84 -3.81
CA ARG A 524 -17.28 -17.44 -3.39
C ARG A 524 -16.33 -17.22 -4.58
N LYS A 525 -15.23 -16.55 -4.34
CA LYS A 525 -14.22 -16.36 -5.35
C LYS A 525 -12.95 -16.98 -4.88
N SER A 526 -12.25 -17.64 -5.78
CA SER A 526 -10.95 -18.22 -5.52
C SER A 526 -9.99 -17.85 -6.63
N TRP A 527 -8.73 -17.80 -6.24
CA TRP A 527 -7.60 -17.58 -7.11
C TRP A 527 -6.51 -18.60 -6.82
N PHE A 528 -5.98 -19.21 -7.87
CA PHE A 528 -4.87 -20.13 -7.73
C PHE A 528 -3.73 -19.48 -8.51
N PHE A 529 -2.69 -19.06 -7.78
CA PHE A 529 -1.54 -18.41 -8.36
C PHE A 529 -0.47 -19.42 -8.72
N LEU A 530 -0.19 -19.55 -10.04
CA LEU A 530 0.63 -20.59 -10.55
C LEU A 530 1.93 -20.01 -11.22
N ASP A 531 2.57 -20.75 -12.11
CA ASP A 531 3.89 -20.35 -12.57
C ASP A 531 3.82 -19.27 -13.68
N ASP A 532 2.77 -19.22 -14.49
CA ASP A 532 2.61 -18.22 -15.47
C ASP A 532 1.13 -17.80 -15.68
N ALA A 533 0.30 -18.05 -14.71
CA ALA A 533 -1.12 -17.80 -14.84
C ALA A 533 -1.72 -17.69 -13.43
N VAL A 534 -2.93 -17.13 -13.39
CA VAL A 534 -3.80 -17.13 -12.20
C VAL A 534 -5.14 -17.71 -12.63
N VAL A 535 -5.53 -18.84 -12.02
CA VAL A 535 -6.78 -19.46 -12.36
C VAL A 535 -7.77 -18.89 -11.39
N CYS A 536 -8.90 -18.43 -11.92
CA CYS A 536 -9.89 -17.74 -11.19
C CYS A 536 -11.27 -18.46 -11.25
N LEU A 537 -11.74 -18.88 -10.09
CA LEU A 537 -12.99 -19.61 -9.94
C LEU A 537 -13.98 -18.78 -9.18
N GLY A 538 -15.22 -18.82 -9.62
CA GLY A 538 -16.32 -18.15 -8.95
C GLY A 538 -17.52 -19.08 -8.82
N ALA A 539 -18.17 -19.11 -7.67
CA ALA A 539 -19.33 -19.95 -7.50
C ALA A 539 -20.30 -19.37 -6.48
N GLY A 540 -21.52 -19.92 -6.46
CA GLY A 540 -22.53 -19.54 -5.46
C GLY A 540 -22.94 -18.08 -5.64
N ILE A 541 -22.90 -17.60 -6.88
CA ILE A 541 -23.07 -16.14 -7.14
C ILE A 541 -24.60 -15.95 -7.10
N THR A 542 -25.02 -15.21 -6.12
CA THR A 542 -26.42 -15.02 -5.82
C THR A 542 -26.71 -13.59 -5.44
N CYS A 543 -27.76 -13.03 -6.04
CA CYS A 543 -28.17 -11.73 -5.77
C CYS A 543 -29.71 -11.54 -5.91
N ALA A 544 -30.25 -10.59 -5.16
CA ALA A 544 -31.66 -10.25 -5.24
C ALA A 544 -31.82 -8.75 -5.50
N ASP A 545 -30.86 -8.07 -6.10
CA ASP A 545 -30.95 -6.60 -6.26
C ASP A 545 -31.95 -6.22 -7.40
N GLY A 546 -32.29 -7.18 -8.25
CA GLY A 546 -33.17 -6.94 -9.36
C GLY A 546 -32.47 -6.37 -10.57
N VAL A 547 -31.11 -6.37 -10.58
CA VAL A 547 -30.34 -5.83 -11.70
C VAL A 547 -29.28 -6.92 -12.03
N PRO A 548 -28.63 -6.80 -13.20
CA PRO A 548 -27.55 -7.75 -13.53
C PRO A 548 -26.33 -7.71 -12.60
N VAL A 549 -25.68 -8.83 -12.56
CA VAL A 549 -24.46 -9.06 -11.81
C VAL A 549 -23.39 -9.40 -12.86
N GLU A 550 -22.20 -8.87 -12.68
CA GLU A 550 -21.09 -9.15 -13.57
C GLU A 550 -19.83 -9.58 -12.84
N THR A 551 -19.00 -10.32 -13.55
CA THR A 551 -17.66 -10.59 -13.12
C THR A 551 -16.76 -9.95 -14.18
N VAL A 552 -15.81 -9.14 -13.71
CA VAL A 552 -14.89 -8.40 -14.58
C VAL A 552 -13.63 -9.24 -14.81
N VAL A 553 -13.60 -9.89 -15.97
CA VAL A 553 -12.46 -10.66 -16.44
C VAL A 553 -11.21 -9.81 -16.48
N ASP A 554 -11.31 -8.65 -17.10
CA ASP A 554 -10.33 -7.65 -16.95
C ASP A 554 -10.78 -6.31 -17.35
N ASN A 555 -9.99 -5.33 -16.96
CA ASN A 555 -10.29 -3.96 -17.38
C ASN A 555 -8.93 -3.22 -17.39
N ARG A 556 -8.48 -2.99 -18.60
CA ARG A 556 -7.14 -2.53 -18.87
C ARG A 556 -7.10 -1.15 -19.51
N ASN A 557 -6.34 -0.24 -18.90
CA ASN A 557 -6.07 1.09 -19.45
C ASN A 557 -5.07 0.96 -20.61
N LEU A 558 -5.49 1.36 -21.77
CA LEU A 558 -4.67 1.34 -22.98
C LEU A 558 -3.91 2.58 -23.24
N GLY A 559 -4.11 3.59 -22.42
CA GLY A 559 -3.46 4.86 -22.58
C GLY A 559 -4.32 5.69 -23.53
N GLU A 560 -3.89 6.92 -23.72
CA GLU A 560 -4.53 7.85 -24.66
C GLU A 560 -4.40 7.34 -26.07
N GLY A 561 -5.52 7.23 -26.77
CA GLY A 561 -5.45 6.80 -28.14
C GLY A 561 -4.91 5.43 -28.37
N GLY A 562 -5.03 4.51 -27.40
CA GLY A 562 -4.42 3.21 -27.56
C GLY A 562 -4.89 2.43 -28.79
N THR A 563 -3.94 1.79 -29.44
CA THR A 563 -4.32 0.90 -30.56
C THR A 563 -3.87 -0.54 -30.41
N GLN A 564 -3.64 -1.00 -29.18
CA GLN A 564 -3.27 -2.41 -28.90
C GLN A 564 -4.29 -3.33 -29.48
N ALA A 565 -3.86 -4.38 -30.18
CA ALA A 565 -4.82 -5.28 -30.81
C ALA A 565 -5.44 -6.20 -29.79
N LEU A 566 -6.75 -6.34 -29.81
CA LEU A 566 -7.47 -7.37 -29.08
C LEU A 566 -7.74 -8.44 -30.14
N VAL A 567 -7.26 -9.65 -29.88
CA VAL A 567 -7.55 -10.79 -30.73
C VAL A 567 -8.33 -11.81 -29.93
N ARG A 568 -9.38 -12.33 -30.54
CA ARG A 568 -10.30 -13.26 -29.89
C ARG A 568 -10.30 -14.61 -30.58
N GLY A 569 -10.44 -15.65 -29.76
CA GLY A 569 -10.60 -16.97 -30.25
C GLY A 569 -11.81 -17.65 -29.59
N ARG A 570 -11.87 -18.94 -29.87
CA ARG A 570 -13.01 -19.75 -29.40
C ARG A 570 -13.17 -19.63 -27.89
N HIS A 571 -12.07 -19.71 -27.20
CA HIS A 571 -12.09 -19.83 -25.72
C HIS A 571 -10.96 -19.04 -25.08
N TRP A 572 -10.61 -17.93 -25.75
CA TRP A 572 -9.60 -17.02 -25.30
C TRP A 572 -9.68 -15.64 -25.97
N ALA A 573 -9.00 -14.71 -25.33
CA ALA A 573 -8.79 -13.36 -25.82
C ALA A 573 -7.40 -12.91 -25.44
N HIS A 574 -6.80 -12.10 -26.29
CA HIS A 574 -5.46 -11.61 -26.07
C HIS A 574 -5.36 -10.13 -26.40
N LEU A 575 -4.72 -9.40 -25.49
CA LEU A 575 -4.47 -7.95 -25.65
C LEU A 575 -2.98 -7.69 -25.79
N GLU A 576 -2.64 -7.24 -26.96
CA GLU A 576 -1.27 -6.85 -27.32
C GLU A 576 -0.59 -5.94 -26.33
N GLY A 577 0.61 -6.36 -25.89
CA GLY A 577 1.36 -5.64 -24.85
C GLY A 577 0.94 -5.92 -23.41
N HIS A 578 -0.13 -6.69 -23.21
CA HIS A 578 -0.68 -6.88 -21.90
C HIS A 578 -0.59 -8.35 -21.53
N GLY A 579 -1.30 -9.21 -22.25
CA GLY A 579 -1.47 -10.61 -21.87
C GLY A 579 -2.78 -11.14 -22.37
N GLY A 580 -3.25 -12.23 -21.83
CA GLY A 580 -4.54 -12.77 -22.27
C GLY A 580 -5.29 -13.58 -21.26
N TRP A 581 -6.48 -14.05 -21.69
CA TRP A 581 -7.46 -14.72 -20.85
C TRP A 581 -7.99 -15.92 -21.49
N ILE A 582 -8.10 -17.01 -20.73
CA ILE A 582 -8.80 -18.21 -21.20
C ILE A 582 -10.18 -18.12 -20.54
N VAL A 583 -11.18 -18.08 -21.40
CA VAL A 583 -12.55 -17.79 -20.98
C VAL A 583 -13.48 -18.15 -22.13
N PRO A 584 -14.68 -18.70 -21.85
CA PRO A 584 -15.56 -19.07 -23.01
C PRO A 584 -15.88 -17.86 -23.89
N GLY A 585 -15.55 -17.98 -25.15
CA GLY A 585 -15.59 -16.85 -26.06
C GLY A 585 -16.97 -16.37 -26.40
N GLY A 586 -17.96 -17.27 -26.29
CA GLY A 586 -19.28 -16.83 -26.59
C GLY A 586 -19.95 -16.17 -25.39
N ALA A 587 -19.48 -16.40 -24.19
CA ALA A 587 -19.97 -15.80 -22.94
C ALA A 587 -19.28 -14.42 -22.72
N LEU A 588 -18.04 -14.30 -23.14
CA LEU A 588 -17.26 -13.11 -22.85
C LEU A 588 -17.87 -11.90 -23.56
N ARG A 589 -18.05 -10.83 -22.82
CA ARG A 589 -18.43 -9.56 -23.40
C ARG A 589 -17.25 -8.64 -23.36
N THR A 590 -17.14 -7.83 -24.42
CA THR A 590 -16.02 -6.87 -24.53
C THR A 590 -16.45 -5.45 -24.95
N LEU A 591 -15.74 -4.46 -24.46
CA LEU A 591 -16.05 -3.07 -24.84
C LEU A 591 -14.68 -2.40 -24.91
N ARG A 592 -14.45 -1.64 -25.96
CA ARG A 592 -13.35 -0.75 -26.08
C ARG A 592 -13.94 0.65 -26.21
N GLU A 593 -13.56 1.54 -25.33
CA GLU A 593 -14.13 2.87 -25.35
C GLU A 593 -13.11 3.87 -24.80
N ASP A 594 -13.25 5.13 -25.26
CA ASP A 594 -12.65 6.29 -24.57
C ASP A 594 -13.46 6.89 -23.45
N ARG A 595 -12.79 7.16 -22.31
CA ARG A 595 -13.43 7.63 -21.12
C ARG A 595 -12.63 8.83 -20.71
N THR A 596 -13.32 9.93 -20.41
CA THR A 596 -12.70 11.14 -19.99
C THR A 596 -13.07 11.48 -18.56
N GLY A 597 -12.08 11.93 -17.81
CA GLY A 597 -12.27 12.30 -16.38
C GLY A 597 -11.21 13.20 -15.84
N ALA A 598 -11.48 13.68 -14.64
CA ALA A 598 -10.55 14.54 -13.89
C ALA A 598 -10.37 13.94 -12.49
N TRP A 599 -9.23 14.23 -11.85
CA TRP A 599 -9.04 13.85 -10.49
C TRP A 599 -10.10 14.45 -9.58
N SER A 600 -10.62 15.65 -9.94
CA SER A 600 -11.69 16.28 -9.13
C SER A 600 -12.97 15.52 -9.15
N ASP A 601 -13.16 14.64 -10.13
CA ASP A 601 -14.31 13.74 -10.06
C ASP A 601 -14.24 12.80 -8.85
N ILE A 602 -13.05 12.44 -8.33
CA ILE A 602 -12.91 11.43 -7.31
C ILE A 602 -12.16 11.97 -6.07
N ASN A 603 -11.97 13.28 -6.00
CA ASN A 603 -11.29 13.92 -4.90
C ASN A 603 -11.62 15.41 -4.87
N THR A 604 -12.26 15.87 -3.82
CA THR A 604 -12.59 17.27 -3.73
C THR A 604 -11.38 18.18 -3.63
N THR A 605 -10.15 17.65 -3.39
CA THR A 605 -8.98 18.47 -3.22
C THR A 605 -8.10 18.53 -4.49
N SER A 606 -8.56 17.91 -5.56
CA SER A 606 -7.79 17.68 -6.73
C SER A 606 -8.17 18.62 -7.81
N THR A 607 -7.28 18.76 -8.78
CA THR A 607 -7.48 19.62 -9.92
C THR A 607 -8.52 19.10 -10.96
N THR A 608 -9.01 20.03 -11.77
CA THR A 608 -10.26 19.78 -12.56
C THR A 608 -9.97 19.49 -13.98
N GLU A 609 -8.70 19.43 -14.35
CA GLU A 609 -8.43 19.18 -15.72
C GLU A 609 -8.78 17.76 -16.15
N ARG A 610 -9.36 17.71 -17.36
CA ARG A 610 -9.93 16.47 -17.90
C ARG A 610 -9.07 15.85 -18.93
N ARG A 611 -8.79 14.55 -18.85
CA ARG A 611 -8.06 13.87 -19.89
C ARG A 611 -8.76 12.59 -20.27
N THR A 612 -8.43 12.11 -21.47
CA THR A 612 -9.11 10.94 -22.08
C THR A 612 -8.18 9.78 -22.14
N ARG A 613 -8.69 8.61 -21.73
CA ARG A 613 -7.95 7.34 -21.80
C ARG A 613 -8.82 6.33 -22.50
N ARG A 614 -8.18 5.44 -23.27
CA ARG A 614 -8.90 4.33 -23.89
C ARG A 614 -8.78 3.06 -23.04
N TRP A 615 -9.86 2.33 -23.00
CA TRP A 615 -10.04 1.17 -22.15
C TRP A 615 -10.43 -0.08 -22.96
N GLN A 616 -9.89 -1.23 -22.60
CA GLN A 616 -10.42 -2.53 -22.98
C GLN A 616 -10.98 -3.28 -21.79
N THR A 617 -12.32 -3.46 -21.80
CA THR A 617 -13.06 -4.02 -20.69
C THR A 617 -13.64 -5.38 -21.14
N LEU A 618 -13.50 -6.39 -20.30
CA LEU A 618 -13.92 -7.74 -20.59
CA LEU A 618 -13.93 -7.72 -20.61
C LEU A 618 -14.70 -8.24 -19.38
N TRP A 619 -15.90 -8.74 -19.60
CA TRP A 619 -16.72 -9.23 -18.47
C TRP A 619 -17.64 -10.39 -18.84
N LEU A 620 -18.18 -11.04 -17.84
CA LEU A 620 -19.16 -12.07 -17.93
C LEU A 620 -20.39 -11.51 -17.27
N ASP A 621 -21.54 -11.75 -17.88
CA ASP A 621 -22.82 -11.26 -17.33
C ASP A 621 -23.55 -12.44 -16.74
N HIS A 622 -23.83 -12.43 -15.45
CA HIS A 622 -24.49 -13.58 -14.75
C HIS A 622 -26.02 -13.41 -14.79
N GLY A 623 -26.49 -12.42 -15.52
CA GLY A 623 -27.95 -12.08 -15.53
C GLY A 623 -28.44 -11.38 -14.30
N THR A 624 -29.74 -11.15 -14.30
CA THR A 624 -30.44 -10.48 -13.16
C THR A 624 -30.85 -11.51 -12.12
N ASP A 625 -30.53 -11.26 -10.86
CA ASP A 625 -30.87 -12.11 -9.80
C ASP A 625 -30.41 -13.52 -9.99
N PRO A 626 -29.12 -13.73 -10.22
CA PRO A 626 -28.60 -15.07 -10.28
C PRO A 626 -28.82 -15.83 -8.98
N ALA A 627 -28.88 -17.14 -9.11
CA ALA A 627 -28.95 -18.00 -7.95
C ALA A 627 -27.91 -19.08 -8.18
N GLY A 628 -26.76 -19.04 -7.49
CA GLY A 628 -25.73 -20.05 -7.67
C GLY A 628 -25.02 -20.04 -9.02
N ALA A 629 -24.81 -18.83 -9.59
CA ALA A 629 -24.10 -18.73 -10.86
C ALA A 629 -22.60 -18.93 -10.56
N ASP A 630 -21.84 -19.20 -11.61
CA ASP A 630 -20.43 -19.56 -11.47
C ASP A 630 -19.59 -19.08 -12.64
N TYR A 631 -18.27 -19.07 -12.49
CA TYR A 631 -17.41 -18.79 -13.63
C TYR A 631 -16.07 -19.53 -13.40
N VAL A 632 -15.37 -19.76 -14.52
CA VAL A 632 -13.98 -20.13 -14.52
C VAL A 632 -13.29 -19.32 -15.59
N TYR A 633 -12.21 -18.66 -15.26
CA TYR A 633 -11.34 -18.09 -16.32
C TYR A 633 -9.91 -18.10 -15.80
N THR A 634 -8.96 -18.06 -16.74
CA THR A 634 -7.55 -18.03 -16.37
C THR A 634 -7.02 -16.75 -16.97
N VAL A 635 -6.26 -15.98 -16.20
CA VAL A 635 -5.54 -14.86 -16.70
C VAL A 635 -4.03 -15.19 -16.84
N MET A 636 -3.46 -14.80 -17.98
CA MET A 636 -2.04 -15.02 -18.24
C MET A 636 -1.37 -13.72 -18.56
N PRO A 637 -1.03 -12.99 -17.50
CA PRO A 637 -0.42 -11.73 -17.73
C PRO A 637 0.96 -11.89 -18.38
N GLY A 638 1.25 -11.02 -19.32
CA GLY A 638 2.50 -11.03 -20.05
C GLY A 638 2.65 -12.13 -21.06
N ALA A 639 1.65 -12.99 -21.27
CA ALA A 639 1.79 -14.11 -22.22
C ALA A 639 1.61 -13.61 -23.66
N SER A 640 2.22 -14.35 -24.59
CA SER A 640 2.04 -14.12 -26.02
C SER A 640 0.73 -14.70 -26.49
N ARG A 641 0.27 -14.20 -27.64
CA ARG A 641 -0.96 -14.70 -28.26
C ARG A 641 -0.85 -16.21 -28.51
N ALA A 642 0.30 -16.66 -28.96
CA ALA A 642 0.48 -18.13 -29.26
C ALA A 642 0.43 -18.96 -28.01
N ALA A 643 1.02 -18.44 -26.92
CA ALA A 643 0.98 -19.14 -25.64
C ALA A 643 -0.42 -19.30 -25.17
N LEU A 644 -1.23 -18.24 -25.28
CA LEU A 644 -2.61 -18.30 -24.81
CA LEU A 644 -2.66 -18.26 -24.87
C LEU A 644 -3.44 -19.27 -25.64
N ALA A 645 -3.32 -19.17 -26.98
CA ALA A 645 -4.02 -20.12 -27.87
C ALA A 645 -3.73 -21.57 -27.52
N ARG A 646 -2.43 -21.88 -27.29
CA ARG A 646 -2.04 -23.24 -26.91
C ARG A 646 -2.67 -23.65 -25.61
N ARG A 647 -2.59 -22.83 -24.61
CA ARG A 647 -3.08 -23.18 -23.28
C ARG A 647 -4.59 -23.34 -23.28
N ALA A 648 -5.27 -22.50 -24.06
CA ALA A 648 -6.72 -22.59 -24.18
C ALA A 648 -7.13 -23.89 -24.88
N ALA A 649 -6.31 -24.39 -25.81
CA ALA A 649 -6.63 -25.66 -26.48
C ALA A 649 -6.13 -26.93 -25.73
N ASP A 650 -5.31 -26.74 -24.74
CA ASP A 650 -4.73 -27.85 -23.94
C ASP A 650 -5.74 -28.29 -22.85
N ARG A 651 -6.21 -29.51 -22.98
CA ARG A 651 -7.26 -30.06 -22.07
C ARG A 651 -6.59 -30.61 -20.82
N HIS A 652 -5.26 -30.79 -20.84
CA HIS A 652 -4.55 -31.58 -19.82
CA HIS A 652 -4.67 -31.57 -19.78
C HIS A 652 -4.04 -30.73 -18.68
N TRP A 653 -3.71 -29.46 -18.95
CA TRP A 653 -2.88 -28.74 -18.01
C TRP A 653 -3.58 -28.38 -16.71
N LEU A 654 -4.90 -28.31 -16.73
CA LEU A 654 -5.66 -27.88 -15.60
C LEU A 654 -6.90 -28.74 -15.51
N THR A 655 -7.15 -29.23 -14.31
CA THR A 655 -8.41 -29.84 -13.96
C THR A 655 -9.07 -29.05 -12.86
N VAL A 656 -10.29 -28.63 -13.10
CA VAL A 656 -11.14 -28.07 -12.11
C VAL A 656 -11.80 -29.24 -11.38
N LEU A 657 -11.34 -29.50 -10.15
CA LEU A 657 -11.79 -30.64 -9.37
C LEU A 657 -13.17 -30.36 -8.81
N ALA A 658 -13.45 -29.12 -8.46
CA ALA A 658 -14.70 -28.67 -7.92
C ALA A 658 -14.80 -27.17 -8.10
N ASN A 659 -15.99 -26.70 -8.33
CA ASN A 659 -16.31 -25.24 -8.29
C ASN A 659 -17.74 -25.03 -7.86
N ASP A 660 -17.98 -25.03 -6.55
CA ASP A 660 -19.30 -24.71 -6.06
C ASP A 660 -19.17 -23.96 -4.75
N ASP A 661 -20.30 -23.66 -4.11
CA ASP A 661 -20.21 -22.91 -2.87
C ASP A 661 -19.75 -23.68 -1.66
N ARG A 662 -19.43 -24.95 -1.84
CA ARG A 662 -18.81 -25.71 -0.78
C ARG A 662 -17.29 -25.85 -0.91
N ARG A 663 -16.80 -25.94 -2.14
CA ARG A 663 -15.35 -26.27 -2.42
CA ARG A 663 -15.34 -26.14 -2.38
C ARG A 663 -14.98 -25.71 -3.79
N GLN A 664 -13.81 -25.09 -3.91
CA GLN A 664 -13.27 -24.75 -5.18
C GLN A 664 -11.86 -25.28 -5.22
N ALA A 665 -11.51 -26.05 -6.22
CA ALA A 665 -10.23 -26.78 -6.18
C ALA A 665 -9.74 -27.10 -7.60
N VAL A 666 -8.42 -27.10 -7.76
CA VAL A 666 -7.77 -27.42 -9.03
C VAL A 666 -6.64 -28.40 -8.85
N SER A 667 -6.36 -29.10 -9.93
CA SER A 667 -5.20 -29.88 -10.11
C SER A 667 -4.37 -29.32 -11.28
N VAL A 668 -3.07 -29.13 -11.06
CA VAL A 668 -2.16 -28.69 -12.12
C VAL A 668 -0.93 -29.62 -12.18
N PRO A 669 -0.98 -30.70 -13.01
CA PRO A 669 -0.01 -31.77 -12.90
C PRO A 669 1.42 -31.33 -13.25
N SER A 670 1.56 -30.35 -14.15
CA SER A 670 2.87 -29.81 -14.49
C SER A 670 3.64 -29.20 -13.32
N LEU A 671 2.90 -28.82 -12.28
CA LEU A 671 3.45 -28.39 -11.00
C LEU A 671 3.33 -29.39 -9.86
N GLY A 672 2.85 -30.59 -10.11
CA GLY A 672 2.59 -31.55 -9.12
C GLY A 672 1.64 -31.07 -8.03
N LEU A 673 0.71 -30.18 -8.43
CA LEU A 673 -0.02 -29.35 -7.48
C LEU A 673 -1.50 -29.64 -7.43
N THR A 674 -1.99 -29.80 -6.20
CA THR A 674 -3.43 -29.86 -5.90
C THR A 674 -3.72 -28.78 -4.93
N ALA A 675 -4.69 -27.93 -5.26
CA ALA A 675 -5.03 -26.83 -4.36
C ALA A 675 -6.56 -26.71 -4.17
N ALA A 676 -6.98 -26.41 -2.95
CA ALA A 676 -8.40 -26.47 -2.66
C ALA A 676 -8.77 -25.46 -1.58
N ASN A 677 -9.79 -24.63 -1.84
CA ASN A 677 -10.44 -23.84 -0.83
C ASN A 677 -11.78 -24.44 -0.40
N PHE A 678 -11.81 -24.94 0.83
CA PHE A 678 -12.94 -25.66 1.34
C PHE A 678 -13.73 -24.62 2.12
N TRP A 679 -14.84 -24.21 1.56
CA TRP A 679 -15.79 -23.30 2.23
C TRP A 679 -16.49 -23.91 3.46
N GLN A 680 -16.56 -25.21 3.54
CA GLN A 680 -16.99 -25.95 4.71
C GLN A 680 -16.34 -27.33 4.61
N ALA A 681 -16.56 -28.19 5.60
CA ALA A 681 -16.14 -29.56 5.52
C ALA A 681 -16.57 -30.23 4.25
N GLY A 682 -15.71 -31.09 3.71
CA GLY A 682 -16.03 -31.81 2.48
C GLY A 682 -14.79 -32.33 1.80
N THR A 683 -14.99 -32.75 0.53
CA THR A 683 -13.90 -33.31 -0.25
CA THR A 683 -13.94 -33.33 -0.26
C THR A 683 -13.82 -32.72 -1.66
N ALA A 684 -12.61 -32.64 -2.18
CA ALA A 684 -12.36 -32.19 -3.52
C ALA A 684 -11.18 -32.99 -4.05
N GLY A 685 -11.42 -33.73 -5.12
CA GLY A 685 -10.38 -34.59 -5.66
C GLY A 685 -9.82 -35.48 -4.53
N PRO A 686 -8.47 -35.49 -4.34
CA PRO A 686 -7.85 -36.35 -3.34
C PRO A 686 -7.77 -35.78 -1.92
N LEU A 687 -8.44 -34.66 -1.68
CA LEU A 687 -8.39 -34.02 -0.38
C LEU A 687 -9.75 -33.98 0.31
N THR A 688 -9.70 -34.16 1.62
CA THR A 688 -10.84 -34.08 2.46
C THR A 688 -10.47 -33.29 3.68
N THR A 689 -11.40 -32.46 4.11
CA THR A 689 -11.27 -31.68 5.36
C THR A 689 -12.50 -31.77 6.27
N THR A 690 -12.29 -31.61 7.57
CA THR A 690 -13.41 -31.59 8.51
C THR A 690 -13.92 -30.21 8.84
N ALA A 691 -13.28 -29.17 8.29
CA ALA A 691 -13.74 -27.82 8.49
C ALA A 691 -13.25 -26.94 7.35
N GLY A 692 -13.80 -25.74 7.29
CA GLY A 692 -13.29 -24.69 6.32
C GLY A 692 -11.78 -24.45 6.44
N ALA A 693 -11.07 -24.53 5.33
CA ALA A 693 -9.58 -24.60 5.27
C ALA A 693 -9.18 -24.32 3.83
N SER A 694 -7.94 -23.87 3.67
CA SER A 694 -7.24 -23.83 2.40
C SER A 694 -6.01 -24.74 2.35
N VAL A 695 -5.89 -25.61 1.29
CA VAL A 695 -4.93 -26.69 1.29
C VAL A 695 -4.17 -26.60 0.01
N LEU A 696 -2.84 -26.74 0.08
CA LEU A 696 -2.02 -26.81 -1.10
C LEU A 696 -1.15 -28.03 -0.89
N VAL A 697 -1.13 -28.98 -1.85
CA VAL A 697 -0.20 -30.09 -1.88
C VAL A 697 0.74 -29.96 -3.09
N ARG A 698 2.04 -30.18 -2.90
CA ARG A 698 2.96 -30.15 -3.98
C ARG A 698 3.79 -31.43 -3.98
N ARG A 699 3.70 -32.20 -5.05
CA ARG A 699 4.48 -33.41 -5.20
C ARG A 699 5.74 -33.01 -5.99
N ARG A 700 6.89 -33.50 -5.57
CA ARG A 700 8.13 -33.26 -6.27
C ARG A 700 8.96 -34.52 -6.24
N GLY A 701 8.83 -35.38 -7.25
CA GLY A 701 9.62 -36.61 -7.29
C GLY A 701 9.12 -37.56 -6.27
N ARG A 702 9.96 -37.88 -5.30
CA ARG A 702 9.68 -38.91 -4.29
C ARG A 702 9.17 -38.32 -2.96
N THR A 703 8.91 -37.02 -2.94
CA THR A 703 8.40 -36.43 -1.75
C THR A 703 7.22 -35.45 -2.08
N ALA A 704 6.44 -35.08 -1.07
CA ALA A 704 5.47 -34.02 -1.22
C ALA A 704 5.40 -33.19 0.05
N THR A 705 4.96 -31.96 -0.14
CA THR A 705 4.68 -31.06 0.95
CA THR A 705 4.65 -31.13 0.98
C THR A 705 3.19 -30.67 0.95
N LEU A 706 2.58 -30.77 2.10
CA LEU A 706 1.20 -30.43 2.28
C LEU A 706 1.21 -29.20 3.15
N ARG A 707 0.49 -28.19 2.71
CA ARG A 707 0.29 -27.00 3.47
C ARG A 707 -1.18 -26.64 3.72
N VAL A 708 -1.47 -26.23 4.94
CA VAL A 708 -2.88 -26.05 5.29
C VAL A 708 -3.01 -24.77 6.13
N SER A 709 -3.98 -23.96 5.73
CA SER A 709 -4.46 -22.92 6.61
C SER A 709 -5.94 -22.93 6.89
N GLU A 710 -6.34 -22.15 7.89
CA GLU A 710 -7.76 -22.11 8.35
C GLU A 710 -8.28 -20.69 8.27
N PRO A 711 -8.77 -20.27 7.09
CA PRO A 711 -9.18 -18.89 6.98
C PRO A 711 -10.39 -18.41 7.80
N PRO A 712 -11.34 -19.28 8.12
CA PRO A 712 -12.33 -18.86 9.11
C PRO A 712 -11.79 -18.42 10.47
N ARG A 713 -10.54 -18.80 10.80
CA ARG A 713 -9.89 -18.34 12.04
C ARG A 713 -10.64 -18.66 13.33
N THR A 714 -11.29 -19.76 13.39
CA THR A 714 -11.89 -20.25 14.66
C THR A 714 -10.85 -20.73 15.60
N GLY A 715 -9.74 -21.23 15.09
CA GLY A 715 -8.70 -21.88 15.90
C GLY A 715 -9.05 -23.28 16.37
N GLU A 716 -10.20 -23.84 15.92
CA GLU A 716 -10.53 -25.23 16.20
C GLU A 716 -9.78 -26.23 15.33
N ALA A 717 -9.40 -27.39 15.95
CA ALA A 717 -8.61 -28.37 15.25
C ALA A 717 -9.47 -28.85 14.10
N LEU A 718 -8.81 -29.28 13.04
CA LEU A 718 -9.48 -29.96 11.95
C LEU A 718 -8.57 -31.00 11.37
N GLU A 719 -9.11 -31.98 10.62
CA GLU A 719 -8.36 -33.03 10.08
C GLU A 719 -8.41 -32.89 8.61
N ILE A 720 -7.29 -33.25 7.98
CA ILE A 720 -7.14 -33.34 6.52
C ILE A 720 -6.68 -34.77 6.14
N VAL A 721 -7.25 -35.32 5.08
CA VAL A 721 -6.84 -36.54 4.50
C VAL A 721 -6.41 -36.22 3.08
N TRP A 722 -5.26 -36.76 2.68
CA TRP A 722 -4.78 -36.66 1.29
C TRP A 722 -4.65 -38.05 0.79
N ASP A 723 -5.42 -38.34 -0.26
CA ASP A 723 -5.51 -39.72 -0.80
C ASP A 723 -4.36 -40.02 -1.72
N HIS A 724 -3.17 -40.19 -1.17
CA HIS A 724 -2.04 -40.64 -1.99
C HIS A 724 -1.21 -41.53 -1.07
N PRO A 725 -0.70 -42.67 -1.57
CA PRO A 725 0.22 -43.43 -0.70
C PRO A 725 1.40 -42.60 -0.18
N VAL A 726 1.67 -42.73 1.10
CA VAL A 726 2.71 -41.96 1.79
CA VAL A 726 2.76 -41.99 1.75
C VAL A 726 3.47 -42.92 2.72
N GLY A 727 4.80 -42.95 2.62
CA GLY A 727 5.62 -43.95 3.31
C GLY A 727 6.06 -43.49 4.70
N ALA A 728 6.55 -42.26 4.80
CA ALA A 728 7.10 -41.74 6.06
C ALA A 728 6.93 -40.24 6.12
N VAL A 729 6.96 -39.69 7.31
CA VAL A 729 6.85 -38.24 7.47
C VAL A 729 8.24 -37.70 7.70
N LEU A 730 8.68 -36.76 6.86
CA LEU A 730 10.07 -36.21 6.94
C LEU A 730 10.10 -35.10 7.92
N ARG A 731 9.04 -34.29 7.90
CA ARG A 731 8.92 -33.28 8.93
C ARG A 731 7.50 -32.74 9.06
N ALA A 732 7.21 -32.21 10.23
CA ALA A 732 5.89 -31.58 10.43
C ALA A 732 6.03 -30.46 11.43
N ASP A 733 5.30 -29.40 11.19
CA ASP A 733 5.18 -28.33 12.16
C ASP A 733 4.52 -28.82 13.47
N GLU A 734 4.77 -28.10 14.55
CA GLU A 734 4.38 -28.55 15.89
C GLU A 734 2.88 -28.53 16.04
N THR A 735 2.26 -27.66 15.22
CA THR A 735 0.80 -27.67 15.01
C THR A 735 0.15 -28.82 14.24
N VAL A 736 0.96 -29.74 13.65
CA VAL A 736 0.46 -30.83 12.87
C VAL A 736 0.73 -32.12 13.58
N GLU A 737 -0.32 -32.89 13.88
CA GLU A 737 -0.18 -34.25 14.37
C GLU A 737 -0.46 -35.22 13.20
N ILE A 738 0.35 -36.27 13.04
CA ILE A 738 0.15 -37.28 12.02
C ILE A 738 -0.71 -38.32 12.64
N LEU A 739 -1.87 -38.57 12.04
CA LEU A 739 -2.74 -39.64 12.51
C LEU A 739 -2.53 -40.94 11.79
N ALA A 740 -2.18 -40.89 10.49
CA ALA A 740 -1.94 -42.11 9.76
C ALA A 740 -1.09 -41.78 8.57
N THR A 741 -0.28 -42.75 8.10
CA THR A 741 0.42 -42.80 6.80
C THR A 741 0.05 -44.18 6.20
N GLY A 742 0.67 -44.56 5.08
CA GLY A 742 0.25 -45.77 4.38
C GLY A 742 -0.45 -45.48 3.11
N ARG A 743 -1.71 -45.85 3.02
CA ARG A 743 -2.49 -45.69 1.79
C ARG A 743 -2.79 -44.23 1.60
N ARG A 744 -2.79 -43.53 2.71
CA ARG A 744 -3.08 -42.07 2.68
C ARG A 744 -2.47 -41.33 3.81
N LEU A 745 -2.53 -40.02 3.72
CA LEU A 745 -1.99 -39.22 4.76
C LEU A 745 -3.14 -38.60 5.53
N HIS A 746 -3.12 -38.74 6.83
CA HIS A 746 -4.17 -38.24 7.70
C HIS A 746 -3.55 -37.41 8.83
N LEU A 747 -3.95 -36.13 8.87
CA LEU A 747 -3.35 -35.15 9.75
C LEU A 747 -4.41 -34.46 10.54
N ARG A 748 -4.01 -34.03 11.72
CA ARG A 748 -4.86 -33.20 12.54
C ARG A 748 -4.09 -31.93 12.81
N VAL A 749 -4.70 -30.82 12.48
CA VAL A 749 -4.02 -29.53 12.55
C VAL A 749 -4.69 -28.56 13.55
N THR A 750 -3.90 -28.00 14.44
CA THR A 750 -4.36 -26.98 15.38
C THR A 750 -3.95 -25.58 14.88
N PRO A 751 -4.90 -24.86 14.26
CA PRO A 751 -4.43 -23.93 13.25
C PRO A 751 -4.25 -22.50 13.62
N GLY A 752 -4.58 -22.20 14.85
CA GLY A 752 -4.56 -20.87 15.29
C GLY A 752 -5.64 -19.96 14.62
N VAL A 753 -5.44 -18.69 14.83
CA VAL A 753 -6.48 -17.70 14.59
C VAL A 753 -5.98 -16.55 13.73
N VAL A 754 -4.86 -16.74 13.09
CA VAL A 754 -4.31 -15.78 12.15
C VAL A 754 -4.05 -16.29 10.71
N CYS A 755 -4.59 -17.46 10.34
CA CYS A 755 -4.48 -17.97 9.01
C CYS A 755 -3.01 -18.19 8.64
N THR A 756 -2.20 -18.66 9.61
CA THR A 756 -0.91 -19.27 9.27
C THR A 756 -1.07 -20.47 8.41
N THR A 757 -0.12 -20.67 7.47
CA THR A 757 -0.05 -21.92 6.77
C THR A 757 0.85 -22.84 7.62
N HIS A 758 0.38 -24.04 7.92
CA HIS A 758 1.10 -25.11 8.54
C HIS A 758 1.58 -26.13 7.50
N GLU A 759 2.77 -26.76 7.71
CA GLU A 759 3.33 -27.73 6.78
C GLU A 759 3.64 -29.05 7.35
N CYS A 760 3.78 -30.02 6.43
CA CYS A 760 4.10 -31.41 6.69
C CYS A 760 4.88 -31.73 5.40
N GLU A 761 5.97 -32.49 5.47
CA GLU A 761 6.66 -33.03 4.30
C GLU A 761 6.76 -34.48 4.49
N VAL A 762 6.37 -35.26 3.46
CA VAL A 762 6.37 -36.72 3.50
C VAL A 762 7.10 -37.31 2.33
N THR A 763 7.59 -38.53 2.54
CA THR A 763 8.09 -39.37 1.48
C THR A 763 6.89 -40.13 0.87
N LEU A 764 6.84 -40.24 -0.60
CA LEU A 764 5.78 -40.97 -1.26
C LEU A 764 6.05 -42.48 -1.37
N SER A 765 4.99 -43.27 -1.52
CA SER A 765 5.05 -44.69 -1.85
C SER A 765 4.25 -44.89 -3.16
#